data_8PAJ
#
_entry.id   8PAJ
#
_cell.length_a   92.958
_cell.length_b   84.165
_cell.length_c   87.968
_cell.angle_alpha   90.000
_cell.angle_beta   94.204
_cell.angle_gamma   90.000
#
_symmetry.space_group_name_H-M   'C 1 2 1'
#
loop_
_entity.id
_entity.type
_entity.pdbx_description
1 polymer 'Squalene-hopene/tetraprenyl-beta-curcumene cyclase'
2 non-polymer IMIDAZOLE
3 non-polymer 1,2-ETHANEDIOL
4 non-polymer '3[N-MORPHOLINO]PROPANE SULFONIC ACID'
5 non-polymer 'CHLORIDE ION'
6 water water
#
_entity_poly.entity_id   1
_entity_poly.type   'polypeptide(L)'
_entity_poly.pdbx_seq_one_letter_code
;MQASLEHEDARESAVTEALARAVRFLEKARTADGRWLDFRFRFVVGDRDVISSQWVTAYAGEALARAGAGPATLEPARDW
LMSHSHPGGGWGFSLATPADADSTANVVRFLSHWRGAPEWDAALGEACAQLLRYWDEPGRGFRTYRPAERPSLNGWASYP
GSSWCDIHLCVTALAAEALHAAGDPRHRPVLEACARLLRDSQSPEGFWEAYWWHGRTYTTTHAARLLFLLGDTGPVTRAA
HWLRGAQQPGGGWGNGTGSEAAAFHTALALPVLLLDGGRARHGAALDAGLRWLLRAQQPDGSWAHVPIMRMPRPEVHAPW
EDPEGCLLLPVLTDRNRLFTTATVVSALVDFLAASRSGSRGNPAS
;
_entity_poly.pdbx_strand_id   A,B
#
# COMPACT_ATOMS: atom_id res chain seq x y z
N ARG A 11 1.13 -32.98 -30.07
CA ARG A 11 2.41 -33.66 -30.42
C ARG A 11 3.57 -32.67 -30.26
N GLU A 12 4.71 -33.16 -29.71
CA GLU A 12 5.94 -32.40 -29.55
CA GLU A 12 5.92 -32.37 -29.55
C GLU A 12 6.38 -31.77 -30.88
N SER A 13 6.11 -32.49 -32.01
CA SER A 13 6.48 -32.06 -33.35
C SER A 13 5.82 -30.76 -33.80
N ALA A 14 4.50 -30.64 -33.64
CA ALA A 14 3.73 -29.47 -34.07
C ALA A 14 4.17 -28.22 -33.30
N VAL A 15 4.56 -28.44 -32.03
CA VAL A 15 5.02 -27.41 -31.11
C VAL A 15 6.47 -27.02 -31.44
N THR A 16 7.34 -28.03 -31.69
CA THR A 16 8.70 -27.79 -32.12
C THR A 16 8.69 -26.94 -33.39
N GLU A 17 7.83 -27.24 -34.36
CA GLU A 17 7.73 -26.52 -35.63
CA GLU A 17 7.74 -26.51 -35.62
C GLU A 17 7.25 -25.08 -35.39
N ALA A 18 6.20 -24.90 -34.55
CA ALA A 18 5.69 -23.58 -34.24
C ALA A 18 6.78 -22.72 -33.59
N LEU A 19 7.52 -23.30 -32.64
CA LEU A 19 8.61 -22.62 -31.97
C LEU A 19 9.69 -22.21 -32.98
N ALA A 20 10.10 -23.14 -33.87
CA ALA A 20 11.11 -22.84 -34.87
C ALA A 20 10.67 -21.68 -35.77
N ARG A 21 9.38 -21.68 -36.19
CA ARG A 21 8.86 -20.60 -37.03
C ARG A 21 8.87 -19.26 -36.31
N ALA A 22 8.60 -19.25 -34.99
CA ALA A 22 8.53 -18.02 -34.21
C ALA A 22 9.94 -17.47 -33.97
N VAL A 23 10.88 -18.38 -33.69
CA VAL A 23 12.29 -18.05 -33.54
C VAL A 23 12.79 -17.36 -34.82
N ARG A 24 12.50 -17.98 -36.00
CA ARG A 24 12.88 -17.42 -37.29
CA ARG A 24 12.86 -17.43 -37.30
C ARG A 24 12.27 -16.04 -37.51
N PHE A 25 10.98 -15.87 -37.17
CA PHE A 25 10.33 -14.57 -37.24
C PHE A 25 11.14 -13.52 -36.47
N LEU A 26 11.47 -13.82 -35.18
CA LEU A 26 12.22 -12.87 -34.37
C LEU A 26 13.63 -12.65 -34.92
N GLU A 27 14.29 -13.72 -35.37
CA GLU A 27 15.63 -13.60 -35.95
C GLU A 27 15.64 -12.63 -37.14
N LYS A 28 14.65 -12.75 -38.04
CA LYS A 28 14.59 -11.93 -39.25
C LYS A 28 14.24 -10.47 -38.92
N ALA A 29 13.56 -10.23 -37.78
CA ALA A 29 13.14 -8.88 -37.39
C ALA A 29 14.28 -8.07 -36.73
N ARG A 30 15.33 -8.77 -36.27
CA ARG A 30 16.46 -8.12 -35.57
C ARG A 30 17.22 -7.26 -36.58
N THR A 31 17.63 -6.04 -36.18
CA THR A 31 18.63 -5.29 -36.98
C THR A 31 19.96 -6.05 -36.96
N ALA A 32 20.82 -5.77 -37.96
CA ALA A 32 22.14 -6.41 -38.04
C ALA A 32 22.97 -6.13 -36.77
N ASP A 33 22.81 -4.90 -36.23
CA ASP A 33 23.58 -4.44 -35.07
C ASP A 33 22.97 -4.90 -33.75
N GLY A 34 21.84 -5.65 -33.75
CA GLY A 34 21.41 -6.36 -32.57
C GLY A 34 20.10 -5.89 -31.94
N ARG A 35 19.34 -4.98 -32.59
CA ARG A 35 18.17 -4.34 -31.97
C ARG A 35 16.88 -5.04 -32.41
N TRP A 36 15.96 -5.25 -31.45
CA TRP A 36 14.54 -5.49 -31.67
C TRP A 36 13.80 -4.24 -31.22
N LEU A 37 13.06 -3.60 -32.14
CA LEU A 37 12.33 -2.37 -31.89
C LEU A 37 10.82 -2.62 -31.85
N ASP A 38 10.12 -2.15 -30.79
CA ASP A 38 8.66 -2.31 -30.79
C ASP A 38 8.04 -1.32 -29.80
N PHE A 39 6.70 -1.35 -29.69
CA PHE A 39 5.90 -0.43 -28.91
C PHE A 39 6.04 1.02 -29.39
N ARG A 40 6.12 1.20 -30.69
CA ARG A 40 6.11 2.53 -31.27
C ARG A 40 4.80 3.24 -30.88
N PHE A 41 4.88 4.47 -30.37
CA PHE A 41 3.70 5.28 -30.08
C PHE A 41 4.07 6.76 -29.97
N ARG A 42 3.04 7.62 -30.02
CA ARG A 42 3.20 9.06 -29.87
C ARG A 42 2.88 9.40 -28.42
N PHE A 43 3.87 9.90 -27.66
CA PHE A 43 3.70 10.31 -26.27
C PHE A 43 2.98 11.66 -26.24
N VAL A 44 2.43 12.03 -25.06
CA VAL A 44 1.63 13.26 -24.84
C VAL A 44 2.40 14.53 -25.23
N VAL A 45 3.71 14.58 -24.87
CA VAL A 45 4.65 15.66 -25.23
C VAL A 45 5.69 15.07 -26.20
N GLY A 46 6.29 15.93 -27.04
CA GLY A 46 7.27 15.58 -28.08
C GLY A 46 6.58 15.32 -29.42
N ASP A 47 7.12 15.86 -30.53
CA ASP A 47 6.43 15.88 -31.82
C ASP A 47 6.39 14.49 -32.47
N ARG A 48 7.50 13.70 -32.37
CA ARG A 48 7.66 12.42 -33.09
C ARG A 48 7.56 11.21 -32.16
N ASP A 49 7.40 10.03 -32.79
CA ASP A 49 7.17 8.76 -32.13
C ASP A 49 8.38 8.36 -31.30
N VAL A 50 8.11 7.71 -30.16
CA VAL A 50 9.10 6.96 -29.41
C VAL A 50 8.92 5.49 -29.79
N ILE A 51 9.99 4.70 -29.66
CA ILE A 51 9.95 3.27 -29.95
C ILE A 51 10.95 2.63 -29.01
N SER A 52 10.59 1.47 -28.47
CA SER A 52 11.42 0.80 -27.50
C SER A 52 12.55 0.06 -28.21
N SER A 53 13.78 0.28 -27.74
CA SER A 53 14.95 -0.46 -28.17
C SER A 53 15.41 -1.41 -27.06
N GLN A 54 15.96 -0.83 -25.99
CA GLN A 54 16.65 -1.58 -24.92
C GLN A 54 15.71 -2.62 -24.30
N TRP A 55 14.54 -2.17 -23.82
CA TRP A 55 13.56 -3.07 -23.18
C TRP A 55 13.19 -4.24 -24.09
N VAL A 56 12.73 -3.94 -25.31
CA VAL A 56 12.26 -4.97 -26.22
C VAL A 56 13.40 -5.91 -26.63
N THR A 57 14.61 -5.34 -26.81
CA THR A 57 15.76 -6.14 -27.22
C THR A 57 16.07 -7.17 -26.13
N ALA A 58 16.10 -6.73 -24.87
CA ALA A 58 16.39 -7.64 -23.78
C ALA A 58 15.29 -8.73 -23.60
N TYR A 59 14.03 -8.32 -23.70
CA TYR A 59 12.89 -9.26 -23.55
C TYR A 59 12.90 -10.33 -24.65
N ALA A 60 13.01 -9.90 -25.92
CA ALA A 60 13.11 -10.80 -27.06
C ALA A 60 14.35 -11.68 -26.94
N GLY A 61 15.51 -11.07 -26.62
CA GLY A 61 16.74 -11.82 -26.47
C GLY A 61 16.65 -12.94 -25.43
N GLU A 62 16.01 -12.62 -24.30
CA GLU A 62 15.89 -13.58 -23.19
C GLU A 62 15.02 -14.77 -23.64
N ALA A 63 13.91 -14.46 -24.32
CA ALA A 63 13.01 -15.51 -24.83
C ALA A 63 13.76 -16.41 -25.83
N LEU A 64 14.52 -15.80 -26.76
CA LEU A 64 15.30 -16.53 -27.74
C LEU A 64 16.40 -17.35 -27.07
N ALA A 65 17.02 -16.81 -25.99
CA ALA A 65 18.03 -17.56 -25.25
C ALA A 65 17.42 -18.85 -24.65
N ARG A 66 16.24 -18.73 -24.01
CA ARG A 66 15.54 -19.92 -23.49
CA ARG A 66 15.49 -19.90 -23.49
C ARG A 66 15.15 -20.89 -24.59
N ALA A 67 14.86 -20.39 -25.81
CA ALA A 67 14.54 -21.23 -26.96
C ALA A 67 15.75 -21.85 -27.65
N GLY A 68 16.99 -21.59 -27.15
CA GLY A 68 18.19 -22.22 -27.67
C GLY A 68 18.71 -21.56 -28.95
N ALA A 69 18.38 -20.29 -29.19
CA ALA A 69 18.92 -19.54 -30.31
C ALA A 69 20.45 -19.45 -30.16
N GLY A 70 21.16 -19.49 -31.28
CA GLY A 70 22.60 -19.56 -31.25
C GLY A 70 23.28 -18.20 -30.97
N PRO A 71 24.62 -18.20 -30.80
CA PRO A 71 25.39 -16.98 -30.56
C PRO A 71 25.20 -15.89 -31.61
N ALA A 72 25.06 -16.30 -32.87
CA ALA A 72 24.84 -15.33 -33.94
C ALA A 72 23.60 -14.48 -33.70
N THR A 73 22.56 -15.09 -33.13
CA THR A 73 21.33 -14.38 -32.82
C THR A 73 21.46 -13.55 -31.56
N LEU A 74 22.03 -14.17 -30.50
CA LEU A 74 21.99 -13.57 -29.17
C LEU A 74 23.09 -12.55 -28.93
N GLU A 75 24.32 -12.85 -29.32
CA GLU A 75 25.46 -11.99 -28.98
C GLU A 75 25.28 -10.55 -29.48
N PRO A 76 24.78 -10.28 -30.71
CA PRO A 76 24.63 -8.88 -31.15
C PRO A 76 23.69 -8.06 -30.26
N ALA A 77 22.61 -8.70 -29.78
CA ALA A 77 21.68 -8.03 -28.90
C ALA A 77 22.33 -7.78 -27.56
N ARG A 78 23.03 -8.77 -26.99
CA ARG A 78 23.75 -8.61 -25.72
C ARG A 78 24.76 -7.46 -25.87
N ASP A 79 25.54 -7.50 -26.95
CA ASP A 79 26.59 -6.50 -27.14
C ASP A 79 25.98 -5.12 -27.36
N TRP A 80 24.84 -5.05 -28.08
CA TRP A 80 24.16 -3.77 -28.32
C TRP A 80 23.73 -3.18 -26.99
N LEU A 81 23.06 -3.98 -26.15
CA LEU A 81 22.69 -3.52 -24.80
C LEU A 81 23.89 -3.02 -24.00
N MET A 82 25.00 -3.76 -24.02
CA MET A 82 26.17 -3.34 -23.26
C MET A 82 26.74 -2.01 -23.78
N SER A 83 26.65 -1.74 -25.09
CA SER A 83 27.16 -0.51 -25.71
C SER A 83 26.12 0.59 -25.72
N HIS A 84 24.88 0.31 -25.26
CA HIS A 84 23.78 1.27 -25.27
C HIS A 84 23.03 1.25 -23.93
N SER A 85 23.77 1.34 -22.82
CA SER A 85 23.20 1.56 -21.50
CA SER A 85 23.21 1.55 -21.50
C SER A 85 23.06 3.06 -21.30
N HIS A 86 22.08 3.47 -20.48
CA HIS A 86 21.93 4.85 -20.07
C HIS A 86 23.19 5.31 -19.33
N PRO A 87 23.68 6.53 -19.61
CA PRO A 87 24.94 6.98 -19.00
C PRO A 87 24.86 7.07 -17.47
N GLY A 88 23.68 7.41 -16.93
CA GLY A 88 23.45 7.40 -15.48
C GLY A 88 23.35 5.99 -14.89
N GLY A 89 23.20 4.98 -15.75
CA GLY A 89 23.14 3.58 -15.35
C GLY A 89 21.80 2.92 -15.74
N GLY A 90 21.89 1.62 -15.99
CA GLY A 90 20.72 0.82 -16.35
C GLY A 90 20.27 1.06 -17.79
N TRP A 91 19.01 0.62 -18.04
CA TRP A 91 18.37 0.63 -19.35
C TRP A 91 16.92 1.06 -19.16
N GLY A 92 16.29 1.53 -20.25
CA GLY A 92 14.90 1.96 -20.23
C GLY A 92 14.14 1.48 -21.45
N PHE A 93 13.02 2.17 -21.71
CA PHE A 93 12.24 1.95 -22.92
C PHE A 93 13.12 2.16 -24.15
N SER A 94 13.80 3.32 -24.16
CA SER A 94 14.83 3.61 -25.14
C SER A 94 15.83 4.60 -24.54
N LEU A 95 16.90 4.91 -25.31
CA LEU A 95 17.85 5.90 -24.83
C LEU A 95 17.24 7.29 -24.75
N ALA A 96 16.10 7.54 -25.43
CA ALA A 96 15.41 8.83 -25.40
C ALA A 96 14.50 9.01 -24.19
N THR A 97 14.27 7.93 -23.39
CA THR A 97 13.46 7.99 -22.18
C THR A 97 14.41 7.89 -20.99
N PRO A 98 13.91 8.08 -19.75
CA PRO A 98 14.69 7.71 -18.58
C PRO A 98 14.90 6.20 -18.58
N ALA A 99 15.86 5.75 -17.78
CA ALA A 99 15.99 4.32 -17.45
C ALA A 99 14.81 3.92 -16.53
N ASP A 100 14.58 2.61 -16.42
CA ASP A 100 13.54 2.11 -15.52
C ASP A 100 13.92 0.72 -15.01
N ALA A 101 13.31 0.33 -13.87
CA ALA A 101 13.60 -0.94 -13.24
C ALA A 101 13.20 -2.14 -14.11
N ASP A 102 12.11 -2.02 -14.88
CA ASP A 102 11.60 -3.15 -15.64
C ASP A 102 12.54 -3.45 -16.81
N SER A 103 12.89 -2.43 -17.60
CA SER A 103 13.85 -2.60 -18.69
CA SER A 103 13.85 -2.60 -18.69
C SER A 103 15.19 -3.13 -18.17
N THR A 104 15.65 -2.57 -17.03
CA THR A 104 16.89 -3.01 -16.39
C THR A 104 16.79 -4.47 -15.94
N ALA A 105 15.64 -4.85 -15.34
CA ALA A 105 15.42 -6.25 -14.93
C ALA A 105 15.48 -7.20 -16.12
N ASN A 106 14.89 -6.78 -17.26
CA ASN A 106 14.93 -7.59 -18.47
C ASN A 106 16.37 -7.79 -18.95
N VAL A 107 17.20 -6.74 -18.84
CA VAL A 107 18.61 -6.86 -19.20
C VAL A 107 19.30 -7.86 -18.28
N VAL A 108 19.08 -7.74 -16.95
CA VAL A 108 19.64 -8.69 -16.01
C VAL A 108 19.28 -10.14 -16.41
N ARG A 109 18.00 -10.38 -16.68
N ARG A 109 17.99 -10.38 -16.66
CA ARG A 109 17.54 -11.74 -16.97
CA ARG A 109 17.48 -11.71 -17.01
C ARG A 109 18.22 -12.25 -18.25
C ARG A 109 18.22 -12.24 -18.25
N PHE A 110 18.33 -11.40 -19.29
CA PHE A 110 19.01 -11.76 -20.53
C PHE A 110 20.50 -12.04 -20.34
N LEU A 111 21.20 -11.13 -19.60
CA LEU A 111 22.63 -11.30 -19.37
C LEU A 111 22.92 -12.57 -18.55
N SER A 112 21.94 -13.04 -17.74
CA SER A 112 22.11 -14.22 -16.89
CA SER A 112 22.13 -14.22 -16.89
C SER A 112 22.43 -15.47 -17.73
N HIS A 113 22.10 -15.45 -19.04
CA HIS A 113 22.42 -16.57 -19.93
CA HIS A 113 22.43 -16.52 -19.99
C HIS A 113 23.93 -16.77 -20.15
N TRP A 114 24.78 -15.77 -19.79
CA TRP A 114 26.24 -15.88 -19.89
C TRP A 114 26.92 -16.04 -18.53
N ARG A 115 26.15 -16.33 -17.47
CA ARG A 115 26.71 -16.74 -16.19
C ARG A 115 27.77 -17.85 -16.35
N GLY A 116 28.84 -17.75 -15.53
CA GLY A 116 29.96 -18.67 -15.53
C GLY A 116 31.19 -18.18 -16.29
N ALA A 117 31.04 -17.27 -17.26
CA ALA A 117 32.15 -16.57 -17.90
C ALA A 117 32.53 -15.38 -17.02
N PRO A 118 33.72 -15.31 -16.38
CA PRO A 118 34.04 -14.23 -15.44
C PRO A 118 33.70 -12.80 -15.90
N GLU A 119 33.97 -12.47 -17.17
CA GLU A 119 33.65 -11.16 -17.73
C GLU A 119 32.15 -10.84 -17.73
N TRP A 120 31.33 -11.88 -17.98
CA TRP A 120 29.88 -11.75 -17.97
C TRP A 120 29.35 -11.79 -16.55
N ASP A 121 29.96 -12.57 -15.65
CA ASP A 121 29.63 -12.52 -14.22
C ASP A 121 29.76 -11.09 -13.66
N ALA A 122 30.80 -10.37 -14.11
CA ALA A 122 31.06 -9.00 -13.68
C ALA A 122 30.01 -8.05 -14.28
N ALA A 123 29.77 -8.12 -15.59
CA ALA A 123 28.72 -7.34 -16.24
C ALA A 123 27.34 -7.59 -15.60
N LEU A 124 27.05 -8.86 -15.27
CA LEU A 124 25.80 -9.23 -14.62
C LEU A 124 25.70 -8.61 -13.22
N GLY A 125 26.83 -8.63 -12.47
CA GLY A 125 26.85 -8.04 -11.14
C GLY A 125 26.57 -6.53 -11.18
N GLU A 126 27.12 -5.85 -12.19
CA GLU A 126 26.92 -4.42 -12.41
CA GLU A 126 26.92 -4.42 -12.40
C GLU A 126 25.44 -4.16 -12.74
N ALA A 127 24.87 -4.96 -13.66
CA ALA A 127 23.47 -4.83 -14.06
C ALA A 127 22.53 -5.04 -12.86
N CYS A 128 22.83 -6.00 -11.97
CA CYS A 128 22.08 -6.18 -10.72
C CYS A 128 22.19 -4.97 -9.81
N ALA A 129 23.41 -4.38 -9.69
CA ALA A 129 23.54 -3.20 -8.83
C ALA A 129 22.72 -2.04 -9.39
N GLN A 130 22.63 -1.91 -10.73
CA GLN A 130 21.78 -0.89 -11.33
C GLN A 130 20.31 -1.15 -11.01
N LEU A 131 19.90 -2.42 -11.05
CA LEU A 131 18.51 -2.76 -10.75
C LEU A 131 18.18 -2.43 -9.29
N LEU A 132 19.13 -2.69 -8.39
CA LEU A 132 18.95 -2.40 -6.97
C LEU A 132 18.81 -0.92 -6.65
N ARG A 133 19.16 0.01 -7.57
CA ARG A 133 18.88 1.43 -7.37
C ARG A 133 17.37 1.76 -7.31
N TYR A 134 16.54 0.85 -7.84
CA TYR A 134 15.08 0.97 -7.84
C TYR A 134 14.41 0.22 -6.69
N TRP A 135 15.22 -0.44 -5.82
CA TRP A 135 14.74 -1.24 -4.71
C TRP A 135 14.32 -0.32 -3.57
N ASP A 136 13.14 -0.58 -2.99
CA ASP A 136 12.60 0.16 -1.87
C ASP A 136 12.43 -0.85 -0.73
N GLU A 137 13.40 -0.90 0.20
N GLU A 137 13.40 -0.90 0.20
CA GLU A 137 13.40 -1.87 1.29
CA GLU A 137 13.40 -1.87 1.28
C GLU A 137 12.15 -1.70 2.15
C GLU A 137 12.15 -1.71 2.17
N PRO A 138 11.78 -0.49 2.61
CA PRO A 138 10.59 -0.33 3.45
C PRO A 138 9.29 -0.81 2.81
N GLY A 139 9.14 -0.62 1.49
CA GLY A 139 7.94 -1.04 0.76
C GLY A 139 7.98 -2.47 0.23
N ARG A 140 9.13 -3.15 0.32
CA ARG A 140 9.34 -4.54 -0.09
C ARG A 140 9.19 -4.72 -1.60
N GLY A 141 9.48 -3.69 -2.39
CA GLY A 141 9.34 -3.82 -3.85
C GLY A 141 10.17 -2.84 -4.64
N PHE A 142 10.02 -2.92 -5.96
CA PHE A 142 10.71 -2.07 -6.92
C PHE A 142 9.76 -0.99 -7.47
N ARG A 143 10.30 0.23 -7.58
CA ARG A 143 9.66 1.35 -8.25
CA ARG A 143 9.63 1.32 -8.26
C ARG A 143 10.11 1.34 -9.71
N THR A 144 9.21 1.61 -10.67
CA THR A 144 9.58 1.56 -12.09
C THR A 144 10.56 2.70 -12.41
N TYR A 145 10.15 3.93 -12.05
CA TYR A 145 10.93 5.13 -12.32
C TYR A 145 11.38 5.74 -11.00
N ARG A 146 12.63 6.26 -11.01
CA ARG A 146 13.14 7.02 -9.91
C ARG A 146 12.65 8.45 -10.06
N PRO A 147 12.13 9.09 -8.99
CA PRO A 147 11.64 10.47 -9.09
C PRO A 147 12.80 11.43 -9.41
N ALA A 148 12.62 12.21 -10.50
CA ALA A 148 13.54 13.25 -10.94
C ALA A 148 12.84 14.61 -10.87
N GLU A 149 13.23 15.45 -9.87
CA GLU A 149 12.61 16.74 -9.55
C GLU A 149 12.42 17.68 -10.76
N ARG A 150 13.31 17.57 -11.75
CA ARG A 150 13.49 18.55 -12.82
C ARG A 150 12.91 18.01 -14.14
N PRO A 151 12.81 18.87 -15.20
CA PRO A 151 12.59 18.39 -16.57
C PRO A 151 13.69 17.46 -17.10
N GLY A 155 8.91 15.42 -21.85
CA GLY A 155 7.84 15.59 -20.84
C GLY A 155 7.39 14.28 -20.16
N TRP A 156 8.36 13.43 -19.84
CA TRP A 156 8.14 12.10 -19.25
C TRP A 156 7.70 12.27 -17.78
N ALA A 157 6.69 11.49 -17.34
CA ALA A 157 5.90 11.79 -16.14
C ALA A 157 6.45 11.08 -14.90
N SER A 158 7.80 10.99 -14.77
CA SER A 158 8.48 10.29 -13.69
C SER A 158 9.08 11.29 -12.70
N TYR A 159 8.25 12.26 -12.25
CA TYR A 159 8.58 13.32 -11.31
C TYR A 159 8.07 12.96 -9.91
N PRO A 160 8.52 13.64 -8.83
CA PRO A 160 8.14 13.27 -7.46
C PRO A 160 6.63 13.21 -7.25
N GLY A 161 6.12 12.11 -6.63
CA GLY A 161 4.72 11.89 -6.35
C GLY A 161 3.93 11.25 -7.50
N SER A 162 4.52 11.20 -8.73
CA SER A 162 3.89 10.50 -9.85
C SER A 162 3.70 9.03 -9.49
N SER A 163 2.54 8.46 -9.88
CA SER A 163 2.31 7.02 -9.76
C SER A 163 3.29 6.23 -10.63
N TRP A 164 3.97 6.87 -11.61
CA TRP A 164 5.04 6.22 -12.37
C TRP A 164 6.24 5.83 -11.49
N CYS A 165 6.39 6.48 -10.32
CA CYS A 165 7.47 6.20 -9.37
C CYS A 165 7.04 5.42 -8.14
N ASP A 166 5.79 4.89 -8.13
CA ASP A 166 5.35 3.98 -7.09
C ASP A 166 6.04 2.63 -7.19
N ILE A 167 6.04 1.88 -6.10
CA ILE A 167 6.31 0.45 -6.14
C ILE A 167 5.19 -0.21 -6.96
N HIS A 168 5.58 -1.02 -7.96
CA HIS A 168 4.64 -1.67 -8.87
C HIS A 168 4.83 -3.17 -8.80
N LEU A 169 3.72 -3.92 -8.75
CA LEU A 169 3.81 -5.36 -8.48
C LEU A 169 4.31 -6.12 -9.70
N CYS A 170 3.90 -5.70 -10.89
CA CYS A 170 4.35 -6.29 -12.13
C CYS A 170 5.88 -6.24 -12.28
N VAL A 171 6.42 -5.05 -11.99
CA VAL A 171 7.86 -4.82 -12.07
C VAL A 171 8.56 -5.58 -10.94
N THR A 172 8.02 -5.51 -9.71
CA THR A 172 8.60 -6.21 -8.57
C THR A 172 8.77 -7.70 -8.88
N ALA A 173 7.72 -8.36 -9.40
CA ALA A 173 7.82 -9.78 -9.69
C ALA A 173 8.96 -10.06 -10.69
N LEU A 174 9.00 -9.35 -11.81
CA LEU A 174 10.03 -9.58 -12.84
CA LEU A 174 10.03 -9.58 -12.85
C LEU A 174 11.44 -9.28 -12.31
N ALA A 175 11.58 -8.20 -11.54
CA ALA A 175 12.88 -7.80 -10.99
C ALA A 175 13.40 -8.91 -10.05
N ALA A 176 12.49 -9.49 -9.22
CA ALA A 176 12.85 -10.58 -8.35
C ALA A 176 13.23 -11.82 -9.15
N GLU A 177 12.46 -12.13 -10.21
CA GLU A 177 12.82 -13.24 -11.09
C GLU A 177 14.23 -13.01 -11.67
N ALA A 178 14.52 -11.76 -12.06
CA ALA A 178 15.80 -11.38 -12.66
C ALA A 178 16.96 -11.61 -11.69
N LEU A 179 16.78 -11.17 -10.43
CA LEU A 179 17.80 -11.37 -9.42
C LEU A 179 18.00 -12.84 -9.12
N HIS A 180 16.90 -13.62 -9.15
CA HIS A 180 17.00 -15.07 -8.94
C HIS A 180 17.86 -15.71 -10.04
N ALA A 181 17.59 -15.34 -11.30
CA ALA A 181 18.31 -15.87 -12.45
C ALA A 181 19.79 -15.50 -12.41
N ALA A 182 20.10 -14.29 -11.90
CA ALA A 182 21.49 -13.82 -11.84
C ALA A 182 22.29 -14.61 -10.80
N GLY A 183 21.63 -15.19 -9.77
CA GLY A 183 22.23 -16.25 -8.98
C GLY A 183 23.07 -15.80 -7.76
N ASP A 184 23.17 -14.49 -7.49
CA ASP A 184 23.97 -14.00 -6.36
C ASP A 184 23.19 -14.25 -5.07
N PRO A 185 23.67 -15.12 -4.15
CA PRO A 185 22.98 -15.36 -2.88
C PRO A 185 22.74 -14.13 -1.99
N ARG A 186 23.56 -13.08 -2.17
CA ARG A 186 23.36 -11.82 -1.46
C ARG A 186 22.02 -11.15 -1.79
N HIS A 187 21.39 -11.49 -2.93
CA HIS A 187 20.11 -10.90 -3.30
C HIS A 187 18.91 -11.64 -2.66
N ARG A 188 19.14 -12.76 -1.92
CA ARG A 188 18.04 -13.58 -1.43
CA ARG A 188 18.04 -13.58 -1.42
C ARG A 188 17.15 -12.77 -0.49
N PRO A 189 17.67 -11.92 0.42
CA PRO A 189 16.77 -11.11 1.27
C PRO A 189 15.86 -10.17 0.44
N VAL A 190 16.35 -9.62 -0.68
CA VAL A 190 15.51 -8.80 -1.57
C VAL A 190 14.42 -9.67 -2.21
N LEU A 191 14.81 -10.85 -2.74
CA LEU A 191 13.88 -11.83 -3.33
CA LEU A 191 13.89 -11.83 -3.33
C LEU A 191 12.76 -12.18 -2.36
N GLU A 192 13.14 -12.55 -1.13
CA GLU A 192 12.22 -12.94 -0.08
C GLU A 192 11.23 -11.82 0.23
N ALA A 193 11.73 -10.58 0.37
CA ALA A 193 10.88 -9.42 0.61
C ALA A 193 9.88 -9.19 -0.52
N CYS A 194 10.34 -9.28 -1.77
CA CYS A 194 9.49 -9.16 -2.95
C CYS A 194 8.38 -10.22 -2.88
N ALA A 195 8.79 -11.45 -2.50
CA ALA A 195 7.88 -12.58 -2.45
C ALA A 195 6.84 -12.36 -1.36
N ARG A 196 7.24 -11.79 -0.20
CA ARG A 196 6.30 -11.47 0.87
CA ARG A 196 6.29 -11.48 0.86
C ARG A 196 5.27 -10.44 0.38
N LEU A 197 5.73 -9.38 -0.32
CA LEU A 197 4.81 -8.37 -0.83
C LEU A 197 3.81 -9.01 -1.82
N LEU A 198 4.30 -9.82 -2.74
CA LEU A 198 3.45 -10.47 -3.72
C LEU A 198 2.46 -11.43 -3.04
N ARG A 199 2.93 -12.30 -2.12
CA ARG A 199 2.05 -13.18 -1.36
CA ARG A 199 2.06 -13.18 -1.35
C ARG A 199 0.94 -12.34 -0.70
N ASP A 200 1.28 -11.22 -0.06
CA ASP A 200 0.34 -10.37 0.66
C ASP A 200 -0.63 -9.66 -0.28
N SER A 201 -0.27 -9.48 -1.57
CA SER A 201 -1.03 -8.69 -2.53
CA SER A 201 -1.05 -8.69 -2.52
C SER A 201 -1.90 -9.54 -3.46
N GLN A 202 -1.80 -10.90 -3.40
CA GLN A 202 -2.57 -11.76 -4.27
C GLN A 202 -4.07 -11.59 -3.91
N SER A 203 -4.90 -11.46 -4.94
CA SER A 203 -6.34 -11.35 -4.73
C SER A 203 -6.88 -12.65 -4.11
N PRO A 204 -8.02 -12.62 -3.38
CA PRO A 204 -8.65 -13.85 -2.93
C PRO A 204 -8.95 -14.85 -4.05
N GLU A 205 -9.22 -14.34 -5.26
CA GLU A 205 -9.56 -15.18 -6.41
C GLU A 205 -8.33 -15.88 -6.97
N GLY A 206 -7.13 -15.31 -6.72
CA GLY A 206 -5.85 -15.94 -7.08
C GLY A 206 -5.02 -15.20 -8.14
N PHE A 207 -5.54 -14.13 -8.74
CA PHE A 207 -4.79 -13.30 -9.67
C PHE A 207 -4.05 -12.19 -8.90
N TRP A 208 -3.14 -11.51 -9.62
CA TRP A 208 -2.57 -10.22 -9.22
C TRP A 208 -2.91 -9.16 -10.25
N GLU A 209 -3.09 -7.93 -9.75
CA GLU A 209 -3.24 -6.76 -10.60
C GLU A 209 -1.87 -6.29 -11.09
N ALA A 210 -1.87 -5.48 -12.18
CA ALA A 210 -0.64 -4.85 -12.69
C ALA A 210 -0.81 -3.34 -12.72
N TYR A 211 0.30 -2.60 -12.71
CA TYR A 211 0.27 -1.18 -12.96
C TYR A 211 0.29 -0.93 -14.47
N TRP A 212 1.27 -1.51 -15.18
CA TRP A 212 1.54 -1.20 -16.60
C TRP A 212 0.78 -2.09 -17.57
N TRP A 213 -0.02 -3.07 -17.13
CA TRP A 213 -0.57 -4.08 -18.03
C TRP A 213 -2.10 -4.07 -17.91
N HIS A 214 -2.75 -4.03 -19.09
CA HIS A 214 -4.20 -3.98 -19.25
C HIS A 214 -4.76 -5.39 -19.01
N GLY A 215 -4.83 -5.80 -17.75
CA GLY A 215 -5.27 -7.15 -17.42
C GLY A 215 -4.72 -7.68 -16.11
N ARG A 216 -5.11 -8.94 -15.81
CA ARG A 216 -4.73 -9.66 -14.60
C ARG A 216 -3.84 -10.84 -14.92
N THR A 217 -3.46 -11.05 -16.20
CA THR A 217 -2.61 -12.16 -16.59
C THR A 217 -1.10 -11.92 -16.33
N TYR A 218 -0.60 -10.72 -16.60
CA TYR A 218 0.87 -10.50 -16.62
C TYR A 218 1.52 -10.64 -15.24
N THR A 219 1.01 -9.90 -14.26
CA THR A 219 1.55 -10.01 -12.91
C THR A 219 1.40 -11.42 -12.38
N THR A 220 0.26 -12.05 -12.67
CA THR A 220 0.02 -13.40 -12.22
C THR A 220 1.10 -14.39 -12.68
N THR A 221 1.47 -14.36 -13.95
CA THR A 221 2.51 -15.23 -14.48
C THR A 221 3.85 -15.05 -13.72
N HIS A 222 4.24 -13.78 -13.53
CA HIS A 222 5.57 -13.45 -12.98
C HIS A 222 5.60 -13.67 -11.49
N ALA A 223 4.51 -13.27 -10.79
CA ALA A 223 4.41 -13.49 -9.35
C ALA A 223 4.37 -14.98 -9.03
N ALA A 224 3.52 -15.75 -9.76
CA ALA A 224 3.44 -17.18 -9.52
C ALA A 224 4.81 -17.85 -9.69
N ARG A 225 5.51 -17.46 -10.77
CA ARG A 225 6.81 -18.04 -11.05
C ARG A 225 7.81 -17.68 -9.93
N LEU A 226 7.83 -16.43 -9.47
CA LEU A 226 8.71 -16.07 -8.35
C LEU A 226 8.44 -16.95 -7.14
N LEU A 227 7.14 -17.07 -6.75
CA LEU A 227 6.78 -17.84 -5.57
C LEU A 227 7.10 -19.32 -5.76
N PHE A 228 6.93 -19.83 -7.01
CA PHE A 228 7.35 -21.17 -7.36
C PHE A 228 8.85 -21.39 -7.09
N LEU A 229 9.66 -20.43 -7.53
CA LEU A 229 11.13 -20.54 -7.37
C LEU A 229 11.54 -20.61 -5.91
N LEU A 230 10.77 -19.98 -5.02
CA LEU A 230 11.01 -20.07 -3.58
C LEU A 230 10.32 -21.25 -2.92
N GLY A 231 9.65 -22.11 -3.70
CA GLY A 231 8.98 -23.29 -3.17
C GLY A 231 7.66 -23.02 -2.46
N ASP A 232 7.08 -21.83 -2.63
CA ASP A 232 5.84 -21.43 -1.98
C ASP A 232 4.73 -21.63 -3.00
N THR A 233 4.19 -22.86 -3.08
CA THR A 233 3.36 -23.27 -4.21
C THR A 233 1.85 -23.07 -3.95
N GLY A 234 1.44 -22.75 -2.72
CA GLY A 234 0.03 -22.43 -2.47
C GLY A 234 -0.47 -21.30 -3.35
N PRO A 235 0.27 -20.16 -3.43
CA PRO A 235 -0.11 -19.08 -4.34
C PRO A 235 -0.19 -19.51 -5.79
N VAL A 236 0.68 -20.44 -6.20
CA VAL A 236 0.73 -20.94 -7.56
C VAL A 236 -0.58 -21.72 -7.86
N THR A 237 -0.96 -22.63 -6.99
CA THR A 237 -2.20 -23.42 -7.11
CA THR A 237 -2.20 -23.41 -7.13
C THR A 237 -3.43 -22.49 -7.24
N ARG A 238 -3.46 -21.44 -6.39
CA ARG A 238 -4.56 -20.49 -6.44
CA ARG A 238 -4.55 -20.48 -6.43
C ARG A 238 -4.59 -19.76 -7.78
N ALA A 239 -3.44 -19.33 -8.30
CA ALA A 239 -3.36 -18.68 -9.59
C ALA A 239 -3.82 -19.63 -10.71
N ALA A 240 -3.35 -20.87 -10.69
CA ALA A 240 -3.72 -21.86 -11.71
C ALA A 240 -5.23 -22.15 -11.69
N HIS A 241 -5.82 -22.21 -10.51
CA HIS A 241 -7.26 -22.44 -10.35
C HIS A 241 -8.06 -21.28 -11.00
N TRP A 242 -7.60 -20.07 -10.74
CA TRP A 242 -8.17 -18.87 -11.32
C TRP A 242 -8.10 -18.94 -12.84
N LEU A 243 -6.91 -19.28 -13.38
CA LEU A 243 -6.75 -19.43 -14.82
C LEU A 243 -7.63 -20.53 -15.41
N ARG A 244 -7.80 -21.65 -14.69
CA ARG A 244 -8.70 -22.71 -15.19
C ARG A 244 -10.09 -22.16 -15.48
N GLY A 245 -10.61 -21.37 -14.54
CA GLY A 245 -11.93 -20.77 -14.72
C GLY A 245 -11.96 -19.73 -15.83
N ALA A 246 -10.84 -19.02 -16.04
CA ALA A 246 -10.75 -17.91 -16.98
C ALA A 246 -10.66 -18.40 -18.42
N GLN A 247 -10.22 -19.65 -18.63
CA GLN A 247 -10.03 -20.14 -19.99
C GLN A 247 -11.34 -20.02 -20.79
N GLN A 248 -11.24 -19.47 -22.01
CA GLN A 248 -12.38 -19.24 -22.86
C GLN A 248 -12.84 -20.55 -23.48
N PRO A 249 -14.11 -20.63 -23.95
CA PRO A 249 -14.61 -21.88 -24.52
C PRO A 249 -13.76 -22.50 -25.64
N GLY A 250 -13.17 -21.66 -26.52
CA GLY A 250 -12.33 -22.14 -27.62
C GLY A 250 -10.88 -22.49 -27.23
N GLY A 251 -10.54 -22.34 -25.94
CA GLY A 251 -9.29 -22.81 -25.36
C GLY A 251 -8.22 -21.73 -25.14
N GLY A 252 -8.43 -20.50 -25.69
CA GLY A 252 -7.50 -19.40 -25.42
C GLY A 252 -7.84 -18.70 -24.11
N TRP A 253 -6.95 -17.79 -23.67
CA TRP A 253 -7.23 -16.84 -22.60
C TRP A 253 -7.20 -15.42 -23.15
N GLY A 254 -8.08 -14.60 -22.60
CA GLY A 254 -7.97 -13.15 -22.70
C GLY A 254 -7.26 -12.60 -21.47
N ASN A 255 -7.54 -11.32 -21.18
CA ASN A 255 -6.77 -10.52 -20.24
C ASN A 255 -7.15 -10.78 -18.78
N GLY A 256 -8.22 -11.57 -18.52
CA GLY A 256 -8.59 -11.86 -17.15
C GLY A 256 -9.50 -10.79 -16.55
N THR A 257 -9.87 -9.76 -17.32
CA THR A 257 -10.87 -8.76 -17.00
C THR A 257 -11.90 -8.68 -18.13
N GLY A 258 -12.14 -9.81 -18.81
CA GLY A 258 -13.25 -9.99 -19.69
C GLY A 258 -12.94 -10.07 -21.16
N SER A 259 -11.68 -9.79 -21.60
CA SER A 259 -11.43 -9.73 -23.02
C SER A 259 -11.42 -11.14 -23.65
N GLU A 260 -11.59 -11.17 -24.96
CA GLU A 260 -11.58 -12.41 -25.73
C GLU A 260 -10.16 -12.96 -25.81
N ALA A 261 -10.04 -14.25 -26.19
CA ALA A 261 -8.78 -14.95 -26.31
C ALA A 261 -7.79 -14.19 -27.21
N ALA A 262 -6.54 -14.13 -26.76
CA ALA A 262 -5.41 -13.53 -27.49
C ALA A 262 -4.16 -14.35 -27.24
N ALA A 263 -3.19 -14.24 -28.16
CA ALA A 263 -1.94 -14.99 -28.07
C ALA A 263 -1.13 -14.62 -26.82
N PHE A 264 -1.02 -13.33 -26.53
CA PHE A 264 -0.22 -12.86 -25.40
C PHE A 264 -0.71 -13.47 -24.07
N HIS A 265 -2.04 -13.42 -23.88
CA HIS A 265 -2.65 -13.87 -22.63
C HIS A 265 -2.59 -15.39 -22.53
N THR A 266 -2.80 -16.08 -23.66
CA THR A 266 -2.71 -17.53 -23.68
C THR A 266 -1.30 -17.96 -23.28
N ALA A 267 -0.30 -17.24 -23.81
CA ALA A 267 1.10 -17.49 -23.49
C ALA A 267 1.47 -17.14 -22.04
N LEU A 268 0.71 -16.26 -21.39
CA LEU A 268 0.87 -15.97 -19.96
C LEU A 268 0.22 -17.03 -19.07
N ALA A 269 -0.91 -17.60 -19.52
CA ALA A 269 -1.66 -18.57 -18.73
C ALA A 269 -0.97 -19.94 -18.69
N LEU A 270 -0.52 -20.42 -19.84
CA LEU A 270 -0.05 -21.79 -19.93
C LEU A 270 1.11 -22.08 -18.99
N PRO A 271 2.11 -21.18 -18.88
CA PRO A 271 3.21 -21.42 -17.94
C PRO A 271 2.76 -21.66 -16.51
N VAL A 272 1.69 -20.96 -16.06
CA VAL A 272 1.23 -21.12 -14.66
C VAL A 272 0.67 -22.52 -14.46
N LEU A 273 -0.13 -23.01 -15.43
CA LEU A 273 -0.62 -24.38 -15.37
C LEU A 273 0.52 -25.39 -15.36
N LEU A 274 1.58 -25.10 -16.13
CA LEU A 274 2.74 -25.98 -16.20
C LEU A 274 3.49 -26.02 -14.86
N LEU A 275 3.37 -24.95 -14.05
CA LEU A 275 3.91 -24.93 -12.69
C LEU A 275 3.03 -25.60 -11.66
N ASP A 276 1.79 -25.93 -12.00
CA ASP A 276 0.81 -26.47 -11.04
C ASP A 276 0.40 -27.89 -11.42
N GLY A 277 1.37 -28.70 -11.86
CA GLY A 277 1.16 -30.09 -12.17
C GLY A 277 1.15 -30.45 -13.64
N GLY A 278 1.29 -29.45 -14.51
CA GLY A 278 1.43 -29.72 -15.93
C GLY A 278 0.32 -30.64 -16.44
N ARG A 279 0.68 -31.62 -17.27
CA ARG A 279 -0.30 -32.47 -17.93
CA ARG A 279 -0.31 -32.46 -17.93
C ARG A 279 -0.97 -33.43 -16.95
N ALA A 280 -0.31 -33.73 -15.82
CA ALA A 280 -0.88 -34.62 -14.81
C ALA A 280 -2.10 -34.01 -14.12
N ARG A 281 -2.24 -32.69 -14.13
CA ARG A 281 -3.37 -32.03 -13.47
C ARG A 281 -4.19 -31.22 -14.47
N HIS A 282 -3.58 -30.57 -15.46
CA HIS A 282 -4.24 -29.61 -16.33
C HIS A 282 -4.13 -30.02 -17.81
N GLY A 283 -4.04 -31.32 -18.11
CA GLY A 283 -3.78 -31.82 -19.45
C GLY A 283 -4.73 -31.28 -20.51
N ALA A 284 -6.04 -31.37 -20.26
CA ALA A 284 -7.05 -30.93 -21.26
C ALA A 284 -6.95 -29.42 -21.49
N ALA A 285 -6.81 -28.64 -20.42
CA ALA A 285 -6.71 -27.18 -20.51
C ALA A 285 -5.43 -26.77 -21.23
N LEU A 286 -4.32 -27.46 -20.94
CA LEU A 286 -3.04 -27.17 -21.60
C LEU A 286 -3.13 -27.48 -23.11
N ASP A 287 -3.70 -28.64 -23.44
CA ASP A 287 -3.81 -29.08 -24.83
CA ASP A 287 -3.80 -29.07 -24.83
C ASP A 287 -4.68 -28.09 -25.62
N ALA A 288 -5.79 -27.64 -25.02
CA ALA A 288 -6.67 -26.67 -25.68
C ALA A 288 -5.98 -25.31 -25.90
N GLY A 289 -5.21 -24.85 -24.93
CA GLY A 289 -4.44 -23.61 -25.05
C GLY A 289 -3.33 -23.70 -26.09
N LEU A 290 -2.65 -24.86 -26.12
CA LEU A 290 -1.60 -25.09 -27.10
CA LEU A 290 -1.60 -25.13 -27.10
C LEU A 290 -2.20 -25.12 -28.51
N ARG A 291 -3.32 -25.85 -28.69
CA ARG A 291 -3.98 -25.92 -29.99
CA ARG A 291 -3.97 -25.91 -29.99
C ARG A 291 -4.42 -24.52 -30.43
N TRP A 292 -4.90 -23.70 -29.48
CA TRP A 292 -5.31 -22.32 -29.79
C TRP A 292 -4.12 -21.55 -30.39
N LEU A 293 -2.96 -21.63 -29.73
CA LEU A 293 -1.74 -20.99 -30.22
C LEU A 293 -1.32 -21.53 -31.59
N LEU A 294 -1.33 -22.86 -31.77
CA LEU A 294 -0.95 -23.45 -33.05
C LEU A 294 -1.85 -22.99 -34.20
N ARG A 295 -3.18 -22.94 -34.00
CA ARG A 295 -4.12 -22.50 -35.01
CA ARG A 295 -4.12 -22.51 -35.02
C ARG A 295 -3.99 -21.01 -35.29
N ALA A 296 -3.62 -20.21 -34.28
CA ALA A 296 -3.56 -18.75 -34.39
C ALA A 296 -2.26 -18.25 -35.02
N GLN A 297 -1.21 -19.08 -35.08
CA GLN A 297 0.09 -18.58 -35.55
C GLN A 297 -0.05 -18.06 -36.99
N GLN A 298 0.52 -16.89 -37.27
CA GLN A 298 0.44 -16.24 -38.56
CA GLN A 298 0.44 -16.24 -38.56
C GLN A 298 1.45 -16.90 -39.50
N PRO A 299 1.26 -16.79 -40.83
CA PRO A 299 2.20 -17.37 -41.80
C PRO A 299 3.66 -17.02 -41.56
N ASP A 300 3.92 -15.78 -41.11
CA ASP A 300 5.30 -15.32 -40.90
C ASP A 300 5.93 -15.90 -39.61
N GLY A 301 5.15 -16.65 -38.81
CA GLY A 301 5.60 -17.27 -37.57
C GLY A 301 5.28 -16.45 -36.32
N SER A 302 4.74 -15.23 -36.49
CA SER A 302 4.33 -14.39 -35.37
C SER A 302 2.90 -14.66 -34.92
N TRP A 303 2.50 -14.01 -33.80
CA TRP A 303 1.09 -13.96 -33.39
C TRP A 303 0.59 -12.53 -33.37
N ALA A 304 -0.70 -12.35 -33.62
CA ALA A 304 -1.30 -11.02 -33.71
C ALA A 304 -1.32 -10.39 -32.32
N HIS A 305 -1.10 -9.06 -32.32
CA HIS A 305 -1.09 -8.26 -31.11
C HIS A 305 -2.53 -7.88 -30.75
N VAL A 306 -2.75 -7.64 -29.47
CA VAL A 306 -3.88 -6.91 -28.91
C VAL A 306 -3.35 -5.83 -27.97
N PRO A 307 -4.17 -4.83 -27.57
CA PRO A 307 -3.72 -3.80 -26.63
C PRO A 307 -3.36 -4.43 -25.30
N ILE A 308 -2.09 -4.26 -24.84
CA ILE A 308 -1.58 -4.95 -23.67
C ILE A 308 -1.00 -4.01 -22.60
N MET A 309 -0.37 -2.89 -22.98
CA MET A 309 0.42 -2.09 -22.06
CA MET A 309 0.42 -2.10 -22.05
C MET A 309 -0.27 -0.74 -21.85
N ARG A 310 -0.66 -0.47 -20.60
CA ARG A 310 -1.34 0.77 -20.29
C ARG A 310 -0.35 1.73 -19.64
N MET A 311 -0.49 3.00 -19.99
CA MET A 311 0.26 4.08 -19.36
CA MET A 311 0.25 4.09 -19.38
C MET A 311 -0.74 4.92 -18.58
N PRO A 312 -0.86 4.72 -17.25
CA PRO A 312 -1.79 5.51 -16.46
C PRO A 312 -1.37 6.97 -16.35
N ARG A 313 -2.37 7.84 -16.11
CA ARG A 313 -2.11 9.21 -15.73
C ARG A 313 -1.28 9.18 -14.45
N PRO A 314 -0.26 10.07 -14.32
CA PRO A 314 0.59 10.09 -13.13
C PRO A 314 -0.14 10.34 -11.81
N GLU A 315 -1.36 10.92 -11.84
CA GLU A 315 -2.15 11.12 -10.62
CA GLU A 315 -2.17 11.14 -10.64
C GLU A 315 -2.91 9.87 -10.21
N VAL A 316 -2.93 8.83 -11.05
CA VAL A 316 -3.71 7.61 -10.81
C VAL A 316 -2.80 6.50 -10.26
N HIS A 317 -3.03 6.09 -9.01
CA HIS A 317 -2.18 5.12 -8.31
C HIS A 317 -2.75 3.70 -8.35
N ALA A 318 -4.07 3.53 -8.64
CA ALA A 318 -4.71 2.21 -8.72
C ALA A 318 -5.41 2.08 -10.08
N PRO A 319 -4.63 2.05 -11.19
CA PRO A 319 -5.22 2.00 -12.54
C PRO A 319 -6.10 0.77 -12.73
N TRP A 320 -5.76 -0.34 -12.05
CA TRP A 320 -6.54 -1.57 -12.05
C TRP A 320 -7.99 -1.39 -11.59
N GLU A 321 -8.29 -0.36 -10.78
CA GLU A 321 -9.66 -0.11 -10.34
C GLU A 321 -10.47 0.61 -11.42
N ASP A 322 -9.81 1.16 -12.47
CA ASP A 322 -10.50 1.89 -13.51
C ASP A 322 -9.74 1.72 -14.82
N PRO A 323 -9.62 0.50 -15.37
CA PRO A 323 -8.73 0.26 -16.51
C PRO A 323 -8.96 1.19 -17.70
N GLU A 324 -10.22 1.48 -18.02
CA GLU A 324 -10.58 2.29 -19.18
C GLU A 324 -10.46 3.76 -18.87
N GLY A 325 -10.61 4.15 -17.58
CA GLY A 325 -10.70 5.55 -17.18
C GLY A 325 -9.38 6.13 -16.70
N CYS A 326 -8.38 5.27 -16.44
CA CYS A 326 -7.12 5.67 -15.81
C CYS A 326 -6.07 6.19 -16.80
N LEU A 327 -6.35 6.19 -18.14
CA LEU A 327 -5.31 6.16 -19.15
C LEU A 327 -4.84 7.57 -19.53
N LEU A 328 -3.51 7.73 -19.65
CA LEU A 328 -2.91 8.92 -20.22
C LEU A 328 -3.11 8.95 -21.74
N LEU A 329 -3.06 7.75 -22.35
CA LEU A 329 -3.14 7.51 -23.77
C LEU A 329 -3.79 6.15 -23.99
N PRO A 330 -4.23 5.82 -25.23
CA PRO A 330 -4.85 4.52 -25.48
C PRO A 330 -3.88 3.39 -25.15
N VAL A 331 -4.43 2.25 -24.71
CA VAL A 331 -3.65 1.09 -24.34
C VAL A 331 -2.76 0.70 -25.54
N LEU A 332 -1.47 0.49 -25.26
CA LEU A 332 -0.45 0.28 -26.28
C LEU A 332 -0.39 -1.16 -26.70
N THR A 333 -0.18 -1.39 -28.00
CA THR A 333 0.22 -2.70 -28.48
C THR A 333 1.66 -2.67 -29.04
N ASP A 334 2.23 -3.85 -29.28
CA ASP A 334 3.50 -4.02 -29.96
C ASP A 334 3.18 -4.24 -31.44
N ARG A 335 3.10 -3.15 -32.22
CA ARG A 335 2.67 -3.26 -33.63
C ARG A 335 3.57 -4.15 -34.48
N ASN A 336 4.85 -4.39 -34.10
CA ASN A 336 5.74 -5.28 -34.82
C ASN A 336 5.61 -6.73 -34.37
N ARG A 337 4.78 -6.99 -33.32
CA ARG A 337 4.46 -8.32 -32.82
C ARG A 337 5.62 -9.00 -32.13
N LEU A 338 6.75 -8.27 -31.87
CA LEU A 338 7.93 -8.90 -31.33
C LEU A 338 7.74 -9.25 -29.85
N PHE A 339 7.10 -8.37 -29.06
CA PHE A 339 6.89 -8.62 -27.63
C PHE A 339 5.88 -9.77 -27.42
N THR A 340 4.78 -9.71 -28.20
CA THR A 340 3.73 -10.76 -28.19
C THR A 340 4.37 -12.10 -28.59
N THR A 341 5.12 -12.10 -29.73
CA THR A 341 5.70 -13.36 -30.19
C THR A 341 6.73 -13.91 -29.21
N ALA A 342 7.59 -13.04 -28.64
CA ALA A 342 8.54 -13.48 -27.61
C ALA A 342 7.85 -14.14 -26.41
N THR A 343 6.73 -13.55 -26.00
CA THR A 343 5.94 -14.13 -24.91
C THR A 343 5.46 -15.55 -25.25
N VAL A 344 5.00 -15.75 -26.49
CA VAL A 344 4.57 -17.07 -26.93
C VAL A 344 5.74 -18.04 -26.99
N VAL A 345 6.91 -17.58 -27.54
CA VAL A 345 8.12 -18.40 -27.58
C VAL A 345 8.41 -18.95 -26.19
N SER A 346 8.40 -18.08 -25.18
CA SER A 346 8.68 -18.51 -23.80
CA SER A 346 8.69 -18.51 -23.80
C SER A 346 7.74 -19.63 -23.35
N ALA A 347 6.44 -19.47 -23.65
CA ALA A 347 5.44 -20.48 -23.28
C ALA A 347 5.70 -21.81 -23.97
N LEU A 348 6.08 -21.77 -25.27
CA LEU A 348 6.34 -23.01 -25.98
C LEU A 348 7.54 -23.74 -25.41
N VAL A 349 8.60 -22.97 -25.01
CA VAL A 349 9.74 -23.57 -24.33
C VAL A 349 9.31 -24.28 -23.04
N ASP A 350 8.45 -23.63 -22.25
CA ASP A 350 7.94 -24.24 -21.02
C ASP A 350 7.21 -25.55 -21.30
N PHE A 351 6.43 -25.57 -22.38
CA PHE A 351 5.71 -26.76 -22.81
CA PHE A 351 5.68 -26.78 -22.75
C PHE A 351 6.64 -27.90 -23.17
N LEU A 352 7.62 -27.57 -24.03
CA LEU A 352 8.52 -28.60 -24.53
C LEU A 352 9.38 -29.20 -23.43
N ALA A 353 9.58 -28.46 -22.32
CA ALA A 353 10.27 -28.97 -21.12
C ALA A 353 9.42 -29.90 -20.22
N ALA A 354 8.09 -29.85 -20.34
CA ALA A 354 7.16 -30.63 -19.53
C ALA A 354 7.11 -32.10 -19.96
N SER A 355 7.00 -33.00 -18.97
CA SER A 355 6.64 -34.41 -19.13
C SER A 355 5.43 -34.64 -20.06
N ARG B 11 2.54 19.86 -3.52
CA ARG B 11 1.33 20.07 -4.36
CA ARG B 11 1.34 20.01 -4.39
C ARG B 11 0.12 19.46 -3.65
N GLU B 12 -1.03 20.18 -3.68
CA GLU B 12 -2.33 19.67 -3.23
CA GLU B 12 -2.30 19.64 -3.18
C GLU B 12 -2.61 18.29 -3.83
N SER B 13 -2.16 18.09 -5.10
CA SER B 13 -2.39 16.88 -5.88
CA SER B 13 -2.37 16.87 -5.88
C SER B 13 -1.76 15.64 -5.22
N ALA B 14 -0.47 15.71 -4.84
CA ALA B 14 0.24 14.57 -4.24
C ALA B 14 -0.43 14.13 -2.93
N VAL B 15 -0.97 15.11 -2.20
CA VAL B 15 -1.63 14.91 -0.90
C VAL B 15 -3.05 14.36 -1.13
N THR B 16 -3.79 14.91 -2.11
CA THR B 16 -5.09 14.40 -2.50
C THR B 16 -4.97 12.91 -2.86
N GLU B 17 -3.94 12.56 -3.67
CA GLU B 17 -3.72 11.18 -4.13
C GLU B 17 -3.32 10.26 -2.97
N ALA B 18 -2.45 10.74 -2.07
CA ALA B 18 -2.07 9.97 -0.87
C ALA B 18 -3.30 9.68 0.00
N LEU B 19 -4.16 10.70 0.20
CA LEU B 19 -5.40 10.54 0.95
C LEU B 19 -6.30 9.50 0.29
N ALA B 20 -6.49 9.60 -1.03
CA ALA B 20 -7.34 8.65 -1.77
C ALA B 20 -6.81 7.21 -1.61
N ARG B 21 -5.49 7.02 -1.64
CA ARG B 21 -4.88 5.69 -1.46
C ARG B 21 -5.16 5.16 -0.05
N ALA B 22 -5.11 6.03 0.96
CA ALA B 22 -5.30 5.66 2.36
C ALA B 22 -6.77 5.30 2.62
N VAL B 23 -7.67 6.11 2.02
CA VAL B 23 -9.12 5.85 2.07
C VAL B 23 -9.42 4.46 1.50
N ARG B 24 -8.87 4.15 0.32
CA ARG B 24 -9.04 2.83 -0.30
CA ARG B 24 -8.99 2.84 -0.33
C ARG B 24 -8.53 1.73 0.61
N PHE B 25 -7.36 1.92 1.22
CA PHE B 25 -6.82 0.95 2.18
C PHE B 25 -7.85 0.65 3.27
N LEU B 26 -8.38 1.70 3.91
CA LEU B 26 -9.35 1.52 5.00
C LEU B 26 -10.64 0.89 4.48
N GLU B 27 -11.14 1.35 3.33
CA GLU B 27 -12.35 0.78 2.75
C GLU B 27 -12.22 -0.73 2.50
N LYS B 28 -11.08 -1.18 1.98
CA LYS B 28 -10.85 -2.58 1.63
CA LYS B 28 -10.83 -2.58 1.63
C LYS B 28 -10.69 -3.43 2.89
N ALA B 29 -10.21 -2.83 3.99
CA ALA B 29 -9.96 -3.53 5.26
C ALA B 29 -11.24 -3.80 6.05
N ARG B 30 -12.32 -3.07 5.74
CA ARG B 30 -13.58 -3.18 6.46
C ARG B 30 -14.15 -4.60 6.26
N THR B 31 -14.64 -5.20 7.36
CA THR B 31 -15.19 -6.56 7.30
C THR B 31 -16.51 -6.58 6.50
N ALA B 32 -16.95 -7.79 6.18
CA ALA B 32 -18.24 -8.04 5.53
C ALA B 32 -19.44 -7.56 6.36
N ASP B 33 -19.30 -7.34 7.67
CA ASP B 33 -20.41 -6.82 8.49
C ASP B 33 -20.16 -5.39 8.95
N GLY B 34 -19.13 -4.69 8.41
CA GLY B 34 -18.99 -3.26 8.57
C GLY B 34 -18.01 -2.85 9.69
N ARG B 35 -17.21 -3.78 10.23
CA ARG B 35 -16.27 -3.51 11.34
C ARG B 35 -14.88 -3.18 10.77
N TRP B 36 -14.13 -2.37 11.54
CA TRP B 36 -12.67 -2.27 11.46
C TRP B 36 -12.11 -2.88 12.72
N LEU B 37 -11.19 -3.87 12.59
CA LEU B 37 -10.64 -4.58 13.73
C LEU B 37 -9.14 -4.29 13.86
N ASP B 38 -8.67 -3.91 15.05
CA ASP B 38 -7.23 -3.70 15.25
C ASP B 38 -6.87 -3.75 16.73
N PHE B 39 -5.56 -3.60 17.02
CA PHE B 39 -4.99 -3.71 18.35
C PHE B 39 -5.17 -5.10 18.94
N ARG B 40 -5.04 -6.13 18.09
CA ARG B 40 -5.00 -7.50 18.57
C ARG B 40 -3.83 -7.66 19.55
N PHE B 41 -4.10 -8.23 20.73
CA PHE B 41 -3.05 -8.59 21.67
C PHE B 41 -3.52 -9.67 22.64
N ARG B 42 -2.55 -10.27 23.35
CA ARG B 42 -2.81 -11.27 24.36
C ARG B 42 -2.73 -10.56 25.71
N PHE B 43 -3.85 -10.51 26.44
CA PHE B 43 -3.95 -9.90 27.75
C PHE B 43 -3.32 -10.84 28.78
N VAL B 44 -3.04 -10.30 29.99
CA VAL B 44 -2.39 -11.01 31.11
C VAL B 44 -3.16 -12.28 31.52
N VAL B 45 -4.51 -12.15 31.57
CA VAL B 45 -5.44 -13.24 31.90
C VAL B 45 -6.24 -13.55 30.62
N GLY B 46 -6.75 -14.81 30.50
CA GLY B 46 -7.45 -15.31 29.34
C GLY B 46 -6.48 -15.97 28.35
N ASP B 47 -6.89 -17.10 27.77
CA ASP B 47 -6.05 -17.91 26.88
C ASP B 47 -5.91 -17.24 25.51
N ARG B 48 -6.98 -16.59 24.97
CA ARG B 48 -7.01 -16.14 23.58
C ARG B 48 -6.89 -14.61 23.46
N ASP B 49 -6.58 -14.17 22.21
CA ASP B 49 -6.35 -12.77 21.89
C ASP B 49 -7.65 -11.97 22.03
N VAL B 50 -7.53 -10.72 22.48
CA VAL B 50 -8.57 -9.71 22.35
C VAL B 50 -8.22 -8.85 21.11
N ILE B 51 -9.22 -8.26 20.48
CA ILE B 51 -9.04 -7.37 19.33
C ILE B 51 -10.15 -6.33 19.40
N SER B 52 -9.81 -5.08 19.11
CA SER B 52 -10.74 -3.99 19.23
C SER B 52 -11.66 -3.95 18.01
N SER B 53 -12.97 -3.87 18.30
CA SER B 53 -13.99 -3.69 17.29
C SER B 53 -14.58 -2.29 17.38
N GLN B 54 -15.34 -2.03 18.45
CA GLN B 54 -16.14 -0.82 18.59
C GLN B 54 -15.25 0.43 18.51
N TRP B 55 -14.22 0.49 19.37
CA TRP B 55 -13.29 1.63 19.40
C TRP B 55 -12.68 1.90 18.02
N VAL B 56 -12.03 0.89 17.44
CA VAL B 56 -11.34 1.08 16.16
C VAL B 56 -12.33 1.42 15.04
N THR B 57 -13.53 0.80 15.05
CA THR B 57 -14.52 1.08 14.04
C THR B 57 -14.95 2.54 14.09
N ALA B 58 -15.21 3.07 15.29
CA ALA B 58 -15.63 4.46 15.43
C ALA B 58 -14.50 5.45 15.07
N TYR B 59 -13.28 5.13 15.47
CA TYR B 59 -12.10 5.98 15.17
C TYR B 59 -11.85 6.05 13.67
N ALA B 60 -11.80 4.88 12.99
CA ALA B 60 -11.59 4.80 11.55
C ALA B 60 -12.75 5.46 10.84
N GLY B 61 -14.00 5.19 11.29
CA GLY B 61 -15.17 5.74 10.64
C GLY B 61 -15.21 7.27 10.69
N GLU B 62 -14.78 7.83 11.81
CA GLU B 62 -14.76 9.27 12.03
C GLU B 62 -13.73 9.91 11.10
N ALA B 63 -12.56 9.29 10.98
CA ALA B 63 -11.50 9.78 10.08
C ALA B 63 -12.01 9.77 8.63
N LEU B 64 -12.67 8.67 8.22
CA LEU B 64 -13.23 8.56 6.88
C LEU B 64 -14.33 9.58 6.66
N ALA B 65 -15.14 9.86 7.69
CA ALA B 65 -16.18 10.87 7.63
C ALA B 65 -15.60 12.26 7.34
N ARG B 66 -14.51 12.61 8.05
CA ARG B 66 -13.78 13.87 7.82
CA ARG B 66 -13.79 13.88 7.83
C ARG B 66 -13.22 13.93 6.40
N ALA B 67 -12.79 12.77 5.87
CA ALA B 67 -12.24 12.67 4.51
C ALA B 67 -13.30 12.70 3.41
N GLY B 68 -14.60 12.83 3.75
CA GLY B 68 -15.67 12.94 2.76
C GLY B 68 -15.98 11.59 2.09
N ALA B 69 -15.70 10.48 2.80
CA ALA B 69 -16.12 9.17 2.37
C ALA B 69 -17.67 9.21 2.35
N GLY B 70 -18.26 8.55 1.36
CA GLY B 70 -19.69 8.59 1.19
C GLY B 70 -20.43 7.68 2.17
N PRO B 71 -21.78 7.73 2.15
CA PRO B 71 -22.59 6.88 3.02
C PRO B 71 -22.31 5.39 2.85
N ALA B 72 -21.98 4.92 1.64
CA ALA B 72 -21.64 3.49 1.47
C ALA B 72 -20.47 3.04 2.36
N THR B 73 -19.48 3.91 2.54
CA THR B 73 -18.34 3.62 3.41
C THR B 73 -18.74 3.74 4.88
N LEU B 74 -19.49 4.80 5.23
CA LEU B 74 -19.72 5.11 6.62
C LEU B 74 -20.89 4.32 7.22
N GLU B 75 -22.00 4.18 6.49
CA GLU B 75 -23.24 3.63 7.08
C GLU B 75 -23.05 2.21 7.67
N PRO B 76 -22.37 1.26 7.00
CA PRO B 76 -22.21 -0.07 7.59
C PRO B 76 -21.53 -0.06 8.97
N ALA B 77 -20.49 0.80 9.09
CA ALA B 77 -19.79 0.95 10.37
C ALA B 77 -20.73 1.53 11.43
N ARG B 78 -21.42 2.63 11.10
CA ARG B 78 -22.39 3.25 12.01
C ARG B 78 -23.43 2.21 12.45
N ASP B 79 -23.98 1.48 11.50
CA ASP B 79 -25.04 0.52 11.79
C ASP B 79 -24.53 -0.62 12.68
N TRP B 80 -23.30 -1.08 12.43
CA TRP B 80 -22.70 -2.11 13.26
C TRP B 80 -22.57 -1.59 14.69
N LEU B 81 -22.01 -0.37 14.87
CA LEU B 81 -21.90 0.18 16.22
C LEU B 81 -23.25 0.25 16.95
N MET B 82 -24.27 0.70 16.24
CA MET B 82 -25.58 0.85 16.85
C MET B 82 -26.17 -0.50 17.25
N SER B 83 -25.85 -1.57 16.53
CA SER B 83 -26.34 -2.91 16.85
C SER B 83 -25.41 -3.64 17.81
N HIS B 84 -24.24 -3.02 18.17
CA HIS B 84 -23.25 -3.67 19.02
C HIS B 84 -22.78 -2.71 20.12
N SER B 85 -23.71 -2.12 20.86
N SER B 85 -23.70 -2.14 20.88
CA SER B 85 -23.41 -1.35 22.05
CA SER B 85 -23.41 -1.36 22.07
C SER B 85 -23.42 -2.29 23.26
C SER B 85 -23.42 -2.29 23.28
N HIS B 86 -22.64 -1.97 24.30
CA HIS B 86 -22.66 -2.71 25.56
C HIS B 86 -24.05 -2.63 26.23
N PRO B 87 -24.55 -3.73 26.77
CA PRO B 87 -25.90 -3.75 27.37
C PRO B 87 -26.05 -2.79 28.55
N GLY B 88 -24.97 -2.59 29.34
CA GLY B 88 -24.92 -1.60 30.40
C GLY B 88 -24.92 -0.16 29.88
N GLY B 89 -24.57 0.01 28.59
CA GLY B 89 -24.50 1.31 27.96
C GLY B 89 -23.11 1.61 27.39
N GLY B 90 -23.09 2.38 26.30
CA GLY B 90 -21.84 2.81 25.67
C GLY B 90 -21.15 1.71 24.89
N TRP B 91 -19.83 1.92 24.66
CA TRP B 91 -18.99 1.08 23.83
C TRP B 91 -17.61 0.98 24.52
N GLY B 92 -16.83 -0.05 24.13
CA GLY B 92 -15.51 -0.25 24.67
C GLY B 92 -14.49 -0.64 23.59
N PHE B 93 -13.42 -1.28 24.06
CA PHE B 93 -12.44 -1.87 23.17
C PHE B 93 -13.12 -2.89 22.25
N SER B 94 -13.89 -3.79 22.90
CA SER B 94 -14.74 -4.74 22.21
C SER B 94 -15.90 -5.13 23.13
N LEU B 95 -16.84 -5.93 22.61
CA LEU B 95 -17.93 -6.41 23.47
C LEU B 95 -17.42 -7.35 24.57
N ALA B 96 -16.21 -7.91 24.42
CA ALA B 96 -15.63 -8.82 25.41
C ALA B 96 -14.96 -8.09 26.56
N THR B 97 -14.73 -6.76 26.43
CA THR B 97 -14.18 -5.94 27.50
C THR B 97 -15.30 -5.12 28.12
N PRO B 98 -15.06 -4.43 29.25
CA PRO B 98 -15.98 -3.41 29.72
C PRO B 98 -16.07 -2.31 28.68
N ALA B 99 -17.11 -1.50 28.79
CA ALA B 99 -17.19 -0.23 28.09
C ALA B 99 -16.16 0.74 28.67
N ASP B 100 -15.87 1.81 27.93
CA ASP B 100 -14.97 2.86 28.40
C ASP B 100 -15.33 4.20 27.79
N ALA B 101 -14.90 5.29 28.44
CA ALA B 101 -15.18 6.66 28.03
C ALA B 101 -14.58 6.97 26.65
N ASP B 102 -13.40 6.45 26.37
CA ASP B 102 -12.69 6.82 25.16
C ASP B 102 -13.37 6.20 23.93
N SER B 103 -13.65 4.90 23.99
N SER B 103 -13.65 4.89 24.00
CA SER B 103 -14.41 4.23 22.93
CA SER B 103 -14.42 4.21 22.97
C SER B 103 -15.77 4.90 22.72
C SER B 103 -15.76 4.91 22.73
N THR B 104 -16.46 5.21 23.82
CA THR B 104 -17.76 5.88 23.78
C THR B 104 -17.65 7.28 23.17
N ALA B 105 -16.58 8.02 23.51
CA ALA B 105 -16.35 9.35 22.93
C ALA B 105 -16.12 9.24 21.42
N ASN B 106 -15.37 8.23 20.98
CA ASN B 106 -15.13 8.02 19.56
C ASN B 106 -16.46 7.75 18.83
N VAL B 107 -17.38 6.97 19.46
CA VAL B 107 -18.69 6.73 18.88
C VAL B 107 -19.46 8.04 18.77
N VAL B 108 -19.48 8.84 19.83
CA VAL B 108 -20.13 10.15 19.81
C VAL B 108 -19.60 10.98 18.63
N ARG B 109 -18.28 11.07 18.48
CA ARG B 109 -17.66 11.89 17.44
CA ARG B 109 -17.62 11.85 17.43
C ARG B 109 -18.10 11.39 16.05
N PHE B 110 -18.08 10.06 15.84
CA PHE B 110 -18.53 9.45 14.59
C PHE B 110 -20.02 9.71 14.30
N LEU B 111 -20.87 9.46 15.32
CA LEU B 111 -22.32 9.66 15.15
C LEU B 111 -22.68 11.13 14.87
N SER B 112 -21.82 12.08 15.30
N SER B 112 -21.83 12.09 15.29
CA SER B 112 -22.06 13.52 15.11
CA SER B 112 -22.04 13.51 15.02
C SER B 112 -22.14 13.89 13.63
C SER B 112 -22.03 13.82 13.52
N HIS B 113 -21.58 13.03 12.75
N HIS B 113 -21.49 12.90 12.70
CA HIS B 113 -21.69 13.24 11.30
CA HIS B 113 -21.65 12.99 11.24
C HIS B 113 -23.11 13.10 10.75
C HIS B 113 -23.10 13.10 10.77
N TRP B 114 -24.07 12.54 11.52
CA TRP B 114 -25.49 12.45 11.12
C TRP B 114 -26.39 13.42 11.88
N ARG B 115 -25.80 14.39 12.61
CA ARG B 115 -26.57 15.51 13.17
C ARG B 115 -27.51 16.13 12.13
N GLY B 116 -28.72 16.53 12.60
CA GLY B 116 -29.74 17.13 11.74
C GLY B 116 -30.87 16.18 11.33
N ALA B 117 -30.60 14.86 11.26
CA ALA B 117 -31.63 13.85 11.09
C ALA B 117 -32.20 13.53 12.47
N PRO B 118 -33.49 13.82 12.76
CA PRO B 118 -34.03 13.62 14.13
C PRO B 118 -33.70 12.30 14.81
N GLU B 119 -33.76 11.18 14.06
CA GLU B 119 -33.44 9.86 14.61
C GLU B 119 -31.97 9.75 15.09
N TRP B 120 -31.07 10.40 14.32
CA TRP B 120 -29.65 10.41 14.67
C TRP B 120 -29.37 11.43 15.76
N ASP B 121 -30.08 12.58 15.80
CA ASP B 121 -29.99 13.52 16.90
C ASP B 121 -30.30 12.83 18.24
N ALA B 122 -31.32 11.94 18.25
CA ALA B 122 -31.72 11.20 19.43
C ALA B 122 -30.67 10.16 19.81
N ALA B 123 -30.21 9.36 18.84
CA ALA B 123 -29.12 8.39 19.08
C ALA B 123 -27.85 9.09 19.59
N LEU B 124 -27.56 10.28 19.05
CA LEU B 124 -26.39 11.06 19.47
C LEU B 124 -26.55 11.55 20.91
N GLY B 125 -27.78 12.01 21.26
CA GLY B 125 -28.03 12.46 22.64
C GLY B 125 -27.87 11.32 23.64
N GLU B 126 -28.30 10.10 23.27
CA GLU B 126 -28.15 8.90 24.09
CA GLU B 126 -28.17 8.91 24.10
C GLU B 126 -26.68 8.58 24.27
N ALA B 127 -25.92 8.58 23.18
CA ALA B 127 -24.47 8.31 23.22
C ALA B 127 -23.74 9.34 24.10
N CYS B 128 -24.15 10.63 24.06
CA CYS B 128 -23.59 11.64 24.96
C CYS B 128 -23.91 11.34 26.42
N ALA B 129 -25.17 10.92 26.71
CA ALA B 129 -25.53 10.59 28.07
C ALA B 129 -24.67 9.42 28.58
N GLN B 130 -24.36 8.44 27.70
CA GLN B 130 -23.51 7.34 28.10
C GLN B 130 -22.10 7.85 28.43
N LEU B 131 -21.58 8.75 27.58
CA LEU B 131 -20.25 9.31 27.82
C LEU B 131 -20.20 10.05 29.15
N LEU B 132 -21.28 10.78 29.51
CA LEU B 132 -21.32 11.57 30.72
CA LEU B 132 -21.36 11.57 30.73
C LEU B 132 -21.30 10.70 31.98
N ARG B 133 -21.58 9.37 31.88
CA ARG B 133 -21.43 8.49 33.04
C ARG B 133 -19.97 8.36 33.54
N TYR B 134 -19.01 8.74 32.69
CA TYR B 134 -17.58 8.73 33.00
C TYR B 134 -17.06 10.09 33.47
N TRP B 135 -17.94 11.12 33.51
CA TRP B 135 -17.62 12.48 33.88
C TRP B 135 -17.45 12.58 35.39
N ASP B 136 -16.36 13.24 35.82
CA ASP B 136 -16.07 13.50 37.23
C ASP B 136 -16.05 15.02 37.41
N GLU B 137 -17.15 15.61 37.89
CA GLU B 137 -17.29 17.05 38.02
CA GLU B 137 -17.29 17.06 38.01
C GLU B 137 -16.21 17.61 38.95
N PRO B 138 -15.98 17.06 40.16
CA PRO B 138 -14.94 17.61 41.04
C PRO B 138 -13.53 17.63 40.43
N GLY B 139 -13.17 16.58 39.67
CA GLY B 139 -11.87 16.44 39.05
C GLY B 139 -11.76 17.11 37.67
N ARG B 140 -12.85 17.63 37.12
CA ARG B 140 -12.92 18.36 35.85
C ARG B 140 -12.49 17.49 34.67
N GLY B 141 -12.75 16.18 34.71
CA GLY B 141 -12.33 15.34 33.60
C GLY B 141 -13.06 13.99 33.57
N PHE B 142 -12.68 13.18 32.60
CA PHE B 142 -13.26 11.87 32.34
C PHE B 142 -12.31 10.77 32.80
N ARG B 143 -12.88 9.74 33.43
CA ARG B 143 -12.18 8.50 33.74
CA ARG B 143 -12.25 8.47 33.79
C ARG B 143 -12.45 7.52 32.61
N THR B 144 -11.43 6.73 32.22
CA THR B 144 -11.58 5.79 31.10
C THR B 144 -12.56 4.67 31.51
N TYR B 145 -12.31 4.03 32.67
CA TYR B 145 -13.12 2.92 33.15
C TYR B 145 -13.81 3.34 34.44
N ARG B 146 -15.06 2.88 34.62
CA ARG B 146 -15.78 3.04 35.84
C ARG B 146 -15.39 1.88 36.76
N PRO B 147 -15.09 2.14 38.03
CA PRO B 147 -14.68 1.09 38.95
C PRO B 147 -15.86 0.14 39.19
N ALA B 148 -15.61 -1.16 38.94
CA ALA B 148 -16.55 -2.26 39.17
C ALA B 148 -15.95 -3.20 40.23
N GLU B 149 -16.56 -3.20 41.45
CA GLU B 149 -16.12 -3.91 42.66
C GLU B 149 -15.71 -5.38 42.43
N ARG B 150 -16.35 -6.04 41.44
CA ARG B 150 -16.28 -7.46 41.19
C ARG B 150 -15.39 -7.66 39.95
N GLY B 155 -10.47 -11.01 33.41
CA GLY B 155 -9.44 -10.47 34.35
C GLY B 155 -9.02 -9.01 34.08
N TRP B 156 -9.96 -8.18 33.57
CA TRP B 156 -9.71 -6.78 33.21
C TRP B 156 -9.49 -5.92 34.47
N ALA B 157 -8.53 -4.99 34.44
CA ALA B 157 -8.02 -4.30 35.63
C ALA B 157 -8.77 -2.98 35.92
N SER B 158 -10.11 -2.93 35.72
CA SER B 158 -10.93 -1.74 35.96
C SER B 158 -11.74 -1.86 37.27
N TYR B 159 -11.06 -2.20 38.36
CA TYR B 159 -11.60 -2.38 39.71
C TYR B 159 -11.27 -1.16 40.57
N PRO B 160 -11.92 -0.97 41.75
CA PRO B 160 -11.69 0.23 42.56
C PRO B 160 -10.22 0.43 42.94
N GLY B 161 -9.71 1.67 42.78
CA GLY B 161 -8.34 2.04 43.10
C GLY B 161 -7.38 1.84 41.93
N SER B 162 -7.77 1.05 40.90
CA SER B 162 -6.96 0.88 39.70
C SER B 162 -6.75 2.21 39.00
N SER B 163 -5.50 2.43 38.54
CA SER B 163 -5.19 3.59 37.70
C SER B 163 -5.97 3.59 36.39
N TRP B 164 -6.53 2.44 35.98
CA TRP B 164 -7.42 2.36 34.82
C TRP B 164 -8.70 3.18 35.00
N CYS B 165 -9.07 3.48 36.27
CA CYS B 165 -10.26 4.25 36.60
C CYS B 165 -9.97 5.67 37.06
N ASP B 166 -8.74 6.15 36.93
CA ASP B 166 -8.41 7.56 37.18
C ASP B 166 -8.97 8.47 36.08
N ILE B 167 -9.07 9.76 36.39
CA ILE B 167 -9.23 10.78 35.35
C ILE B 167 -7.97 10.78 34.47
N HIS B 168 -8.15 10.69 33.14
CA HIS B 168 -7.08 10.60 32.17
C HIS B 168 -7.15 11.78 31.23
N LEU B 169 -6.00 12.47 31.00
CA LEU B 169 -6.01 13.69 30.21
C LEU B 169 -6.25 13.40 28.72
N CYS B 170 -5.70 12.29 28.23
CA CYS B 170 -5.86 11.89 26.83
C CYS B 170 -7.35 11.67 26.48
N VAL B 171 -8.03 10.95 27.36
CA VAL B 171 -9.46 10.66 27.22
C VAL B 171 -10.28 11.93 27.45
N THR B 172 -9.94 12.72 28.49
CA THR B 172 -10.64 13.99 28.75
C THR B 172 -10.65 14.88 27.51
N ALA B 173 -9.48 15.07 26.86
CA ALA B 173 -9.44 15.92 25.68
C ALA B 173 -10.37 15.40 24.57
N LEU B 174 -10.31 14.12 24.22
CA LEU B 174 -11.12 13.56 23.14
CA LEU B 174 -11.12 13.58 23.12
C LEU B 174 -12.62 13.60 23.50
N ALA B 175 -12.94 13.33 24.76
CA ALA B 175 -14.35 13.31 25.22
C ALA B 175 -14.95 14.70 25.07
N ALA B 176 -14.15 15.73 25.39
CA ALA B 176 -14.58 17.10 25.27
C ALA B 176 -14.74 17.46 23.80
N GLU B 177 -13.78 17.06 22.96
CA GLU B 177 -13.94 17.25 21.52
C GLU B 177 -15.24 16.61 21.01
N ALA B 178 -15.54 15.41 21.49
CA ALA B 178 -16.73 14.65 21.11
C ALA B 178 -18.00 15.41 21.49
N LEU B 179 -18.08 15.89 22.73
CA LEU B 179 -19.24 16.65 23.16
C LEU B 179 -19.39 17.95 22.37
N HIS B 180 -18.25 18.58 22.00
CA HIS B 180 -18.32 19.78 21.17
C HIS B 180 -18.91 19.45 19.79
N ALA B 181 -18.45 18.35 19.18
CA ALA B 181 -18.92 17.94 17.85
C ALA B 181 -20.42 17.56 17.89
N ALA B 182 -20.89 17.00 19.02
CA ALA B 182 -22.29 16.61 19.16
C ALA B 182 -23.21 17.84 19.24
N GLY B 183 -22.70 18.99 19.70
CA GLY B 183 -23.35 20.27 19.47
C GLY B 183 -24.40 20.71 20.51
N ASP B 184 -24.64 19.91 21.58
CA ASP B 184 -25.64 20.24 22.58
C ASP B 184 -25.07 21.33 23.49
N PRO B 185 -25.64 22.56 23.52
CA PRO B 185 -25.18 23.63 24.41
C PRO B 185 -25.16 23.29 25.89
N ARG B 186 -26.01 22.34 26.31
CA ARG B 186 -26.00 21.89 27.70
C ARG B 186 -24.67 21.28 28.14
N HIS B 187 -23.84 20.82 27.18
CA HIS B 187 -22.56 20.21 27.51
C HIS B 187 -21.44 21.25 27.66
N ARG B 188 -21.72 22.55 27.41
CA ARG B 188 -20.66 23.57 27.41
C ARG B 188 -20.00 23.66 28.79
N PRO B 189 -20.71 23.60 29.93
CA PRO B 189 -20.04 23.57 31.23
C PRO B 189 -19.05 22.42 31.40
N VAL B 190 -19.37 21.24 30.85
CA VAL B 190 -18.47 20.09 30.93
C VAL B 190 -17.22 20.35 30.06
N LEU B 191 -17.44 20.81 28.81
CA LEU B 191 -16.38 21.21 27.87
CA LEU B 191 -16.39 21.17 27.86
C LEU B 191 -15.41 22.19 28.48
N GLU B 192 -15.95 23.27 29.05
CA GLU B 192 -15.20 24.34 29.66
C GLU B 192 -14.37 23.81 30.83
N ALA B 193 -14.96 22.97 31.68
CA ALA B 193 -14.25 22.36 32.82
C ALA B 193 -13.11 21.47 32.33
N CYS B 194 -13.34 20.66 31.29
CA CYS B 194 -12.29 19.85 30.69
C CYS B 194 -11.15 20.74 30.19
N ALA B 195 -11.52 21.86 29.54
CA ALA B 195 -10.55 22.79 28.98
C ALA B 195 -9.74 23.45 30.09
N ARG B 196 -10.37 23.76 31.24
CA ARG B 196 -9.65 24.33 32.39
C ARG B 196 -8.66 23.30 32.93
N LEU B 197 -9.07 22.02 33.04
CA LEU B 197 -8.15 20.98 33.51
C LEU B 197 -6.94 20.88 32.57
N LEU B 198 -7.22 20.83 31.26
CA LEU B 198 -6.14 20.70 30.29
C LEU B 198 -5.22 21.94 30.29
N ARG B 199 -5.79 23.16 30.32
CA ARG B 199 -5.00 24.39 30.43
CA ARG B 199 -5.03 24.41 30.45
C ARG B 199 -4.06 24.27 31.63
N ASP B 200 -4.59 23.83 32.78
CA ASP B 200 -3.82 23.77 34.02
C ASP B 200 -2.76 22.67 34.00
N SER B 201 -2.92 21.65 33.15
CA SER B 201 -2.08 20.46 33.11
C SER B 201 -1.03 20.51 32.00
N GLN B 202 -1.03 21.55 31.15
CA GLN B 202 -0.05 21.68 30.06
C GLN B 202 1.33 21.89 30.72
N SER B 203 2.34 21.17 30.22
CA SER B 203 3.69 21.33 30.71
CA SER B 203 3.69 21.33 30.71
C SER B 203 4.17 22.76 30.39
N PRO B 204 5.14 23.32 31.15
CA PRO B 204 5.74 24.59 30.76
C PRO B 204 6.34 24.56 29.35
N GLU B 205 6.79 23.40 28.89
CA GLU B 205 7.41 23.23 27.58
CA GLU B 205 7.42 23.27 27.57
C GLU B 205 6.36 23.25 26.46
N GLY B 206 5.09 22.96 26.80
CA GLY B 206 3.95 23.09 25.87
C GLY B 206 3.27 21.79 25.49
N PHE B 207 3.79 20.63 25.90
CA PHE B 207 3.17 19.33 25.64
C PHE B 207 2.22 18.98 26.78
N TRP B 208 1.42 17.94 26.54
CA TRP B 208 0.67 17.21 27.56
C TRP B 208 1.12 15.75 27.58
N GLU B 209 1.12 15.16 28.75
CA GLU B 209 1.31 13.72 28.95
C GLU B 209 0.00 12.98 28.64
N ALA B 210 0.11 11.66 28.43
CA ALA B 210 -1.03 10.76 28.24
C ALA B 210 -0.98 9.66 29.31
N TYR B 211 -2.14 9.03 29.56
CA TYR B 211 -2.18 7.81 30.36
C TYR B 211 -1.92 6.61 29.44
N TRP B 212 -2.70 6.53 28.34
CA TRP B 212 -2.75 5.34 27.49
C TRP B 212 -1.76 5.38 26.31
N TRP B 213 -0.96 6.47 26.15
CA TRP B 213 -0.20 6.62 24.92
C TRP B 213 1.28 6.79 25.26
N HIS B 214 2.13 6.02 24.58
CA HIS B 214 3.59 6.00 24.72
C HIS B 214 4.17 7.25 24.06
N GLY B 215 4.03 8.38 24.72
CA GLY B 215 4.60 9.63 24.23
C GLY B 215 3.80 10.86 24.67
N ARG B 216 4.16 12.01 24.08
CA ARG B 216 3.63 13.32 24.44
C ARG B 216 2.91 13.96 23.25
N THR B 217 2.74 13.22 22.15
CA THR B 217 2.09 13.75 20.95
C THR B 217 0.55 13.60 21.02
N TYR B 218 0.04 12.50 21.58
CA TYR B 218 -1.40 12.21 21.40
C TYR B 218 -2.29 13.21 22.17
N THR B 219 -2.03 13.35 23.49
CA THR B 219 -2.79 14.33 24.25
C THR B 219 -2.61 15.72 23.71
N THR B 220 -1.38 16.06 23.25
CA THR B 220 -1.12 17.38 22.74
C THR B 220 -2.03 17.76 21.57
N THR B 221 -2.20 16.84 20.61
CA THR B 221 -3.06 17.11 19.46
C THR B 221 -4.51 17.38 19.90
N HIS B 222 -5.01 16.52 20.82
CA HIS B 222 -6.44 16.58 21.19
C HIS B 222 -6.70 17.75 22.12
N ALA B 223 -5.78 18.00 23.07
CA ALA B 223 -5.91 19.14 23.98
C ALA B 223 -5.81 20.46 23.21
N ALA B 224 -4.80 20.58 22.31
CA ALA B 224 -4.66 21.80 21.51
C ALA B 224 -5.95 22.08 20.70
N ARG B 225 -6.52 21.00 20.09
CA ARG B 225 -7.72 21.15 19.31
C ARG B 225 -8.90 21.59 20.17
N LEU B 226 -9.05 21.02 21.38
CA LEU B 226 -10.14 21.44 22.26
C LEU B 226 -9.99 22.93 22.60
N LEU B 227 -8.77 23.34 22.99
CA LEU B 227 -8.54 24.72 23.39
C LEU B 227 -8.74 25.65 22.20
N PHE B 228 -8.33 25.21 21.01
CA PHE B 228 -8.60 25.94 19.78
C PHE B 228 -10.11 26.19 19.59
N LEU B 229 -10.91 25.13 19.76
CA LEU B 229 -12.35 25.24 19.57
C LEU B 229 -12.98 26.29 20.49
N LEU B 230 -12.42 26.49 21.69
CA LEU B 230 -12.89 27.49 22.61
C LEU B 230 -12.22 28.85 22.40
N GLY B 231 -11.38 29.01 21.36
CA GLY B 231 -10.73 30.27 21.07
C GLY B 231 -9.57 30.61 22.01
N ASP B 232 -9.04 29.61 22.74
CA ASP B 232 -7.97 29.83 23.71
C ASP B 232 -6.67 29.38 23.03
N THR B 233 -6.07 30.28 22.23
CA THR B 233 -5.03 29.88 21.28
C THR B 233 -3.60 30.01 21.87
N GLY B 234 -3.43 30.64 23.03
CA GLY B 234 -2.14 30.67 23.71
C GLY B 234 -1.57 29.28 23.93
N PRO B 235 -2.34 28.35 24.54
CA PRO B 235 -1.90 26.95 24.68
C PRO B 235 -1.57 26.28 23.37
N VAL B 236 -2.30 26.63 22.30
CA VAL B 236 -2.05 26.08 20.97
C VAL B 236 -0.66 26.50 20.47
N THR B 237 -0.36 27.80 20.53
CA THR B 237 0.94 28.35 20.12
CA THR B 237 0.94 28.32 20.11
C THR B 237 2.08 27.68 20.88
N ARG B 238 1.90 27.48 22.21
CA ARG B 238 2.88 26.81 23.03
C ARG B 238 3.13 25.37 22.58
N ALA B 239 2.06 24.63 22.29
CA ALA B 239 2.18 23.27 21.78
C ALA B 239 2.88 23.26 20.41
N ALA B 240 2.50 24.17 19.51
CA ALA B 240 3.10 24.26 18.18
C ALA B 240 4.62 24.55 18.28
N HIS B 241 4.99 25.44 19.20
CA HIS B 241 6.41 25.80 19.40
C HIS B 241 7.20 24.56 19.84
N TRP B 242 6.62 23.81 20.79
CA TRP B 242 7.19 22.57 21.26
C TRP B 242 7.39 21.58 20.10
N LEU B 243 6.34 21.40 19.27
CA LEU B 243 6.44 20.52 18.10
C LEU B 243 7.48 21.02 17.10
N ARG B 244 7.59 22.34 16.87
CA ARG B 244 8.62 22.85 15.96
C ARG B 244 10.01 22.36 16.37
N GLY B 245 10.32 22.45 17.66
CA GLY B 245 11.62 21.99 18.16
C GLY B 245 11.77 20.47 18.12
N ALA B 246 10.65 19.71 18.27
CA ALA B 246 10.66 18.26 18.29
C ALA B 246 10.83 17.65 16.91
N GLN B 247 10.51 18.38 15.85
CA GLN B 247 10.58 17.85 14.51
C GLN B 247 12.00 17.30 14.23
N GLN B 248 12.06 16.09 13.68
CA GLN B 248 13.31 15.40 13.48
C GLN B 248 14.00 15.97 12.24
N PRO B 249 15.33 15.79 12.10
CA PRO B 249 16.03 16.30 10.93
C PRO B 249 15.45 15.95 9.56
N GLY B 250 14.95 14.71 9.40
CA GLY B 250 14.37 14.24 8.14
C GLY B 250 12.92 14.69 7.89
N GLY B 251 12.32 15.41 8.85
CA GLY B 251 11.05 16.09 8.69
C GLY B 251 9.86 15.39 9.38
N GLY B 252 10.04 14.15 9.86
CA GLY B 252 8.99 13.46 10.61
C GLY B 252 9.06 13.85 12.10
N TRP B 253 8.03 13.43 12.85
CA TRP B 253 8.04 13.46 14.30
C TRP B 253 8.01 12.05 14.86
N GLY B 254 8.72 11.90 15.99
CA GLY B 254 8.54 10.76 16.85
C GLY B 254 7.57 11.12 17.97
N ASN B 255 7.71 10.40 19.09
CA ASN B 255 6.70 10.40 20.14
C ASN B 255 6.81 11.60 21.07
N GLY B 256 7.90 12.42 20.95
CA GLY B 256 8.05 13.56 21.83
C GLY B 256 8.69 13.23 23.17
N THR B 257 9.12 11.96 23.33
CA THR B 257 9.95 11.50 24.45
C THR B 257 11.20 10.79 23.90
N GLY B 258 11.61 11.19 22.68
CA GLY B 258 12.91 10.84 22.14
C GLY B 258 12.89 9.86 20.96
N SER B 259 11.73 9.26 20.60
CA SER B 259 11.71 8.25 19.56
C SER B 259 11.91 8.88 18.18
N GLU B 260 12.36 8.03 17.24
CA GLU B 260 12.55 8.41 15.85
C GLU B 260 11.21 8.66 15.17
N ALA B 261 11.27 9.32 13.98
CA ALA B 261 10.08 9.66 13.21
C ALA B 261 9.23 8.42 12.92
N ALA B 262 7.89 8.61 13.04
CA ALA B 262 6.89 7.61 12.69
C ALA B 262 5.68 8.31 12.08
N ALA B 263 4.88 7.54 11.30
CA ALA B 263 3.71 8.10 10.63
C ALA B 263 2.65 8.58 11.63
N PHE B 264 2.41 7.81 12.72
CA PHE B 264 1.38 8.17 13.69
C PHE B 264 1.68 9.53 14.33
N HIS B 265 2.96 9.73 14.71
CA HIS B 265 3.37 10.94 15.42
C HIS B 265 3.40 12.12 14.48
N THR B 266 3.85 11.90 13.22
CA THR B 266 3.87 12.94 12.23
C THR B 266 2.44 13.44 12.00
N ALA B 267 1.50 12.48 11.91
CA ALA B 267 0.09 12.81 11.73
C ALA B 267 -0.54 13.49 12.95
N LEU B 268 0.02 13.32 14.15
CA LEU B 268 -0.42 14.07 15.33
C LEU B 268 0.17 15.49 15.40
N ALA B 269 1.39 15.68 14.90
CA ALA B 269 2.05 16.97 14.95
C ALA B 269 1.44 17.96 13.97
N LEU B 270 1.27 17.51 12.71
CA LEU B 270 0.92 18.43 11.66
C LEU B 270 -0.37 19.20 11.93
N PRO B 271 -1.44 18.57 12.46
CA PRO B 271 -2.66 19.31 12.76
C PRO B 271 -2.45 20.49 13.70
N VAL B 272 -1.54 20.35 14.70
CA VAL B 272 -1.31 21.42 15.68
C VAL B 272 -0.69 22.62 14.97
N LEU B 273 0.30 22.37 14.09
CA LEU B 273 0.87 23.44 13.28
C LEU B 273 -0.19 24.11 12.40
N LEU B 274 -1.10 23.31 11.83
CA LEU B 274 -2.19 23.86 11.01
C LEU B 274 -3.17 24.73 11.81
N LEU B 275 -3.26 24.51 13.14
CA LEU B 275 -4.04 25.37 14.05
C LEU B 275 -3.30 26.63 14.48
N ASP B 276 -1.98 26.70 14.26
CA ASP B 276 -1.14 27.81 14.71
C ASP B 276 -0.57 28.60 13.54
N GLY B 277 -1.41 28.81 12.51
CA GLY B 277 -1.09 29.61 11.37
C GLY B 277 -0.81 28.91 10.06
N GLY B 278 -0.80 27.58 10.10
CA GLY B 278 -0.71 26.81 8.88
C GLY B 278 0.52 27.22 8.07
N ARG B 279 0.35 27.36 6.73
CA ARG B 279 1.49 27.60 5.84
CA ARG B 279 1.48 27.61 5.82
C ARG B 279 2.03 29.03 6.00
N ALA B 280 1.20 29.97 6.50
CA ALA B 280 1.64 31.33 6.73
C ALA B 280 2.68 31.44 7.85
N ARG B 281 2.72 30.47 8.79
CA ARG B 281 3.69 30.50 9.87
C ARG B 281 4.63 29.30 9.85
N HIS B 282 4.16 28.11 9.47
CA HIS B 282 4.91 26.87 9.64
C HIS B 282 5.09 26.16 8.28
N GLY B 283 5.14 26.91 7.17
CA GLY B 283 5.17 26.36 5.82
C GLY B 283 6.26 25.29 5.63
N ALA B 284 7.51 25.61 5.97
CA ALA B 284 8.63 24.70 5.75
C ALA B 284 8.49 23.43 6.60
N ALA B 285 8.09 23.58 7.88
CA ALA B 285 7.92 22.45 8.78
C ALA B 285 6.78 21.54 8.29
N LEU B 286 5.68 22.17 7.84
CA LEU B 286 4.54 21.41 7.30
C LEU B 286 4.92 20.62 6.04
N ASP B 287 5.63 21.29 5.11
N ASP B 287 5.62 21.29 5.11
CA ASP B 287 6.03 20.67 3.86
CA ASP B 287 6.03 20.67 3.85
C ASP B 287 6.97 19.49 4.12
C ASP B 287 6.96 19.49 4.12
N ALA B 288 7.92 19.64 5.05
CA ALA B 288 8.83 18.55 5.40
C ALA B 288 8.10 17.34 6.00
N GLY B 289 7.11 17.61 6.88
CA GLY B 289 6.30 16.56 7.49
C GLY B 289 5.42 15.83 6.47
N LEU B 290 4.87 16.62 5.54
CA LEU B 290 4.04 16.07 4.49
CA LEU B 290 4.03 16.08 4.47
C LEU B 290 4.86 15.18 3.56
N ARG B 291 6.04 15.68 3.11
CA ARG B 291 6.94 14.89 2.27
CA ARG B 291 6.91 14.88 2.25
C ARG B 291 7.35 13.61 2.98
N TRP B 292 7.57 13.67 4.31
CA TRP B 292 7.93 12.47 5.07
C TRP B 292 6.82 11.41 4.91
N LEU B 293 5.57 11.84 5.14
CA LEU B 293 4.40 10.97 4.99
C LEU B 293 4.25 10.44 3.56
N LEU B 294 4.45 11.29 2.54
CA LEU B 294 4.29 10.85 1.16
C LEU B 294 5.33 9.78 0.79
N ARG B 295 6.61 9.99 1.17
CA ARG B 295 7.67 9.00 0.94
C ARG B 295 7.41 7.70 1.70
N ALA B 296 6.84 7.77 2.91
CA ALA B 296 6.70 6.61 3.78
C ALA B 296 5.49 5.73 3.39
N GLN B 297 4.52 6.26 2.65
CA GLN B 297 3.26 5.52 2.42
C GLN B 297 3.56 4.20 1.71
N GLN B 298 2.94 3.11 2.20
CA GLN B 298 3.18 1.77 1.67
CA GLN B 298 3.16 1.76 1.68
C GLN B 298 2.44 1.58 0.36
N PRO B 299 2.79 0.55 -0.44
CA PRO B 299 2.08 0.26 -1.69
C PRO B 299 0.56 0.08 -1.53
N ASP B 300 0.13 -0.46 -0.38
CA ASP B 300 -1.29 -0.70 -0.15
C ASP B 300 -2.04 0.58 0.26
N GLY B 301 -1.32 1.71 0.43
CA GLY B 301 -1.91 2.97 0.86
C GLY B 301 -1.84 3.20 2.38
N SER B 302 -1.35 2.23 3.16
CA SER B 302 -1.23 2.37 4.61
C SER B 302 0.13 2.97 5.01
N TRP B 303 0.30 3.23 6.32
CA TRP B 303 1.60 3.56 6.91
C TRP B 303 1.95 2.54 7.98
N ALA B 304 3.24 2.32 8.18
CA ALA B 304 3.77 1.33 9.08
C ALA B 304 3.46 1.76 10.51
N HIS B 305 3.14 0.76 11.34
CA HIS B 305 2.89 0.97 12.76
C HIS B 305 4.21 1.02 13.53
N VAL B 306 4.16 1.75 14.65
CA VAL B 306 5.14 1.65 15.74
C VAL B 306 4.37 1.44 17.05
N PRO B 307 5.03 0.99 18.14
CA PRO B 307 4.35 0.86 19.43
C PRO B 307 3.84 2.20 19.94
N ILE B 308 2.51 2.30 20.17
CA ILE B 308 1.82 3.55 20.46
C ILE B 308 1.01 3.55 21.76
N MET B 309 0.39 2.42 22.11
CA MET B 309 -0.60 2.40 23.19
CA MET B 309 -0.61 2.38 23.17
C MET B 309 -0.06 1.57 24.34
N ARG B 310 0.06 2.22 25.50
CA ARG B 310 0.56 1.54 26.68
C ARG B 310 -0.59 1.19 27.61
N MET B 311 -0.52 -0.01 28.16
CA MET B 311 -1.43 -0.45 29.21
CA MET B 311 -1.41 -0.51 29.21
C MET B 311 -0.65 -0.52 30.53
N PRO B 312 -0.77 0.52 31.39
CA PRO B 312 -0.04 0.52 32.64
C PRO B 312 -0.54 -0.54 33.62
N ARG B 313 0.34 -0.98 34.51
CA ARG B 313 -0.07 -1.77 35.65
C ARG B 313 -1.09 -0.95 36.46
N PRO B 314 -2.18 -1.57 36.97
CA PRO B 314 -3.20 -0.83 37.68
C PRO B 314 -2.71 -0.10 38.95
N GLU B 315 -1.57 -0.51 39.55
CA GLU B 315 -1.02 0.16 40.73
CA GLU B 315 -1.00 0.14 40.73
C GLU B 315 -0.17 1.37 40.35
N VAL B 316 0.10 1.59 39.04
CA VAL B 316 0.89 2.71 38.55
C VAL B 316 -0.04 3.83 38.08
N HIS B 317 -0.02 4.98 38.78
CA HIS B 317 -0.92 6.09 38.49
C HIS B 317 -0.29 7.21 37.66
N ALA B 318 1.06 7.21 37.51
CA ALA B 318 1.75 8.19 36.68
C ALA B 318 2.65 7.49 35.68
N PRO B 319 2.08 6.74 34.72
CA PRO B 319 2.89 5.95 33.77
C PRO B 319 3.83 6.79 32.91
N TRP B 320 3.44 8.05 32.66
CA TRP B 320 4.24 9.04 31.94
C TRP B 320 5.59 9.33 32.60
N GLU B 321 5.72 9.13 33.91
CA GLU B 321 6.96 9.34 34.62
C GLU B 321 7.96 8.21 34.36
N ASP B 322 7.48 7.04 33.91
CA ASP B 322 8.33 5.87 33.76
C ASP B 322 7.81 5.04 32.59
N PRO B 323 7.85 5.57 31.35
CA PRO B 323 7.20 4.90 30.23
C PRO B 323 7.58 3.44 30.03
N GLU B 324 8.88 3.11 30.23
CA GLU B 324 9.37 1.76 29.99
C GLU B 324 9.06 0.86 31.19
N GLY B 325 8.92 1.43 32.40
CA GLY B 325 8.89 0.67 33.63
C GLY B 325 7.46 0.48 34.17
N CYS B 326 6.48 1.22 33.62
CA CYS B 326 5.11 1.26 34.11
C CYS B 326 4.22 0.12 33.58
N LEU B 327 4.74 -0.78 32.69
CA LEU B 327 3.89 -1.49 31.76
C LEU B 327 3.39 -2.82 32.33
N LEU B 328 2.10 -3.12 32.09
CA LEU B 328 1.55 -4.45 32.36
C LEU B 328 2.02 -5.46 31.30
N LEU B 329 2.19 -4.96 30.06
CA LEU B 329 2.53 -5.71 28.88
C LEU B 329 3.30 -4.79 27.96
N PRO B 330 4.03 -5.31 26.95
CA PRO B 330 4.72 -4.46 25.99
C PRO B 330 3.77 -3.46 25.33
N VAL B 331 4.30 -2.28 25.01
CA VAL B 331 3.56 -1.22 24.35
C VAL B 331 2.92 -1.81 23.08
N LEU B 332 1.61 -1.55 22.90
CA LEU B 332 0.79 -2.14 21.86
CA LEU B 332 0.87 -2.18 21.83
C LEU B 332 0.95 -1.35 20.56
N THR B 333 0.93 -2.04 19.43
CA THR B 333 0.77 -1.43 18.14
C THR B 333 -0.57 -1.88 17.54
N ASP B 334 -1.01 -1.21 16.48
CA ASP B 334 -2.12 -1.64 15.64
C ASP B 334 -1.54 -2.44 14.49
N ARG B 335 -1.41 -3.76 14.66
CA ARG B 335 -0.77 -4.61 13.65
C ARG B 335 -1.42 -4.55 12.27
N ASN B 336 -2.72 -4.17 12.18
CA ASN B 336 -3.39 -4.05 10.89
C ASN B 336 -3.22 -2.68 10.26
N ARG B 337 -2.56 -1.75 10.98
CA ARG B 337 -2.23 -0.40 10.52
C ARG B 337 -3.47 0.47 10.34
N LEU B 338 -4.64 0.04 10.83
CA LEU B 338 -5.86 0.82 10.59
C LEU B 338 -5.88 2.07 11.46
N PHE B 339 -5.49 1.97 12.73
CA PHE B 339 -5.49 3.12 13.63
C PHE B 339 -4.45 4.18 13.20
N THR B 340 -3.24 3.70 12.88
CA THR B 340 -2.16 4.54 12.35
C THR B 340 -2.61 5.23 11.05
N THR B 341 -3.19 4.46 10.13
CA THR B 341 -3.58 5.02 8.83
C THR B 341 -4.71 6.04 9.01
N ALA B 342 -5.72 5.70 9.84
CA ALA B 342 -6.80 6.66 10.13
C ALA B 342 -6.28 7.98 10.68
N THR B 343 -5.28 7.89 11.58
CA THR B 343 -4.64 9.08 12.12
C THR B 343 -4.03 9.95 11.02
N VAL B 344 -3.36 9.30 10.06
CA VAL B 344 -2.75 9.99 8.92
C VAL B 344 -3.83 10.62 8.06
N VAL B 345 -4.93 9.87 7.80
CA VAL B 345 -6.03 10.39 7.00
C VAL B 345 -6.51 11.71 7.60
N SER B 346 -6.74 11.75 8.91
CA SER B 346 -7.25 12.95 9.56
CA SER B 346 -7.25 12.96 9.54
C SER B 346 -6.29 14.15 9.32
N ALA B 347 -4.96 13.89 9.43
CA ALA B 347 -3.98 14.95 9.22
C ALA B 347 -4.01 15.45 7.77
N LEU B 348 -4.11 14.52 6.79
CA LEU B 348 -4.18 14.93 5.39
C LEU B 348 -5.40 15.81 5.12
N VAL B 349 -6.55 15.45 5.73
CA VAL B 349 -7.74 16.28 5.66
C VAL B 349 -7.47 17.71 6.15
N ASP B 350 -6.83 17.81 7.33
CA ASP B 350 -6.48 19.11 7.89
C ASP B 350 -5.62 19.93 6.91
N PHE B 351 -4.66 19.26 6.27
CA PHE B 351 -3.77 19.88 5.28
CA PHE B 351 -3.75 19.96 5.35
C PHE B 351 -4.54 20.44 4.10
N LEU B 352 -5.36 19.56 3.52
CA LEU B 352 -6.06 19.89 2.29
C LEU B 352 -7.05 21.03 2.53
N ALA B 353 -7.53 21.20 3.78
CA ALA B 353 -8.42 22.29 4.18
C ALA B 353 -7.72 23.65 4.38
N ALA B 354 -6.39 23.66 4.55
CA ALA B 354 -5.62 24.88 4.77
C ALA B 354 -5.42 25.67 3.46
N SER B 355 -5.50 27.01 3.56
CA SER B 355 -5.22 27.98 2.49
C SER B 355 -3.75 27.89 2.04
N ARG B 356 -3.46 28.25 0.78
CA ARG B 356 -2.07 28.27 0.27
C ARG B 356 -1.22 29.35 0.99
#